data_9RKC
#
_entry.id   9RKC
#
_cell.length_a   71.915
_cell.length_b   106.467
_cell.length_c   82.742
_cell.angle_alpha   90.000
_cell.angle_beta   108.665
_cell.angle_gamma   90.000
#
_symmetry.space_group_name_H-M   'P 1 21 1'
#
loop_
_entity.id
_entity.type
_entity.pdbx_description
1 polymer Elongin-B
2 polymer Elongin-C
3 polymer 'von Hippel-Lindau disease tumor suppressor'
4 polymer 'GTPase KRas'
5 non-polymer (2~{S},4~{R})-1-[(2~{S})-2-[(5~{S})-5-[3-[(3~{S})-4-[4-[5-[(4~{S})-2-azanyl-3-cyano-4-methyl-6,7-dihydro-5~{H}-1-benzothiophen-4-yl]-1,2,4-oxadiazol-3-yl]pyrimidin-2-yl]-3-methyl-1,4-diazepan-1-yl]propyl]-4,5,6,7-tetrahydrobenzotriazol-1-yl]-3-methyl-butanoyl]-~{N}-[(1-methylindazol-6-yl)methyl]-4-oxidanyl-pyrrolidine-2-carboxamide
6 non-polymer "GUANOSINE-5'-DIPHOSPHATE"
7 non-polymer 'MAGNESIUM ION'
8 water water
#
loop_
_entity_poly.entity_id
_entity_poly.type
_entity_poly.pdbx_seq_one_letter_code
_entity_poly.pdbx_strand_id
1 'polypeptide(L)'
;MDVFLMIRRHKTTIFTDAKESSTVFELKRIVEGILKRPPDEQRLYKDDQLLDDGKTLGECGFTSQTARPQAPATVGLAFR
ADDTFEALCIEPFSSPPELPDVMK
;
A,E
2 'polypeptide(L)'
;MMYVKLISSDGHEFIVKREHALTSGTIKAMLSGPGQFAENETNEVNFREIPSHVLSKVCMYFTYKVRYTNSSTEIPEFPI
APEIALELLMAANFLDC
;
B,F
3 'polypeptide(L)'
;GSMEAGRPRPVLRSVNSREPSQVIFCNRSPRVVLPVWLNFDGEPQPYPTLPPGTGRRIHSYRGHLWLFRDAGTHDGLLVN
QTELFVPSLNVDGQPIFANITLPVYTLKERCLQVVRSLVKPENYRRLDIVRSLYEDLEDHPNVQKDLERLTQERIAHQRM
GD
;
C,G
4 'polypeptide(L)'
;GMTEYKLVVVGADGVGKSALTIQLIQNHFVDEYDPTIEDSYRKQVVIDGETCLLDILDTAGQEEYSAMRDQYMRTGEGFL
CVFAINNTKSFEDIHHYREQIKRVKDSEDVPMVLVGNKSDLPSRTVDTKQAQDLARSYGIPFIETSAKTRQGVDDAFYTL
VREIRKHKEK
;
D,H
#
# COMPACT_ATOMS: atom_id res chain seq x y z
N MET A 1 -12.70 12.16 -2.37
CA MET A 1 -13.34 12.57 -3.63
C MET A 1 -14.81 12.17 -3.63
N ASP A 2 -15.09 10.90 -3.36
CA ASP A 2 -16.45 10.38 -3.37
C ASP A 2 -17.00 10.35 -1.94
N VAL A 3 -18.18 10.91 -1.76
CA VAL A 3 -18.90 10.89 -0.50
C VAL A 3 -20.15 10.05 -0.68
N PHE A 4 -20.46 9.24 0.33
CA PHE A 4 -21.60 8.33 0.26
C PHE A 4 -22.66 8.77 1.25
N LEU A 5 -23.87 8.96 0.76
CA LEU A 5 -24.95 9.60 1.52
C LEU A 5 -26.17 8.70 1.54
N MET A 6 -27.05 8.96 2.51
CA MET A 6 -28.41 8.41 2.52
C MET A 6 -29.36 9.57 2.75
N ILE A 7 -30.08 9.94 1.69
CA ILE A 7 -31.00 11.07 1.71
C ILE A 7 -32.35 10.60 2.26
N ARG A 8 -32.83 11.25 3.30
CA ARG A 8 -33.97 10.75 4.07
C ARG A 8 -35.07 11.78 4.15
N ARG A 9 -36.31 11.35 3.90
CA ARG A 9 -37.51 12.15 4.08
C ARG A 9 -38.66 11.23 4.43
N HIS A 10 -39.24 11.46 5.60
CA HIS A 10 -40.35 10.62 6.10
C HIS A 10 -39.85 9.18 6.23
N LYS A 11 -40.41 8.29 5.43
CA LYS A 11 -39.99 6.89 5.45
C LYS A 11 -39.28 6.48 4.17
N THR A 12 -38.67 7.45 3.49
CA THR A 12 -37.91 7.21 2.27
C THR A 12 -36.44 7.51 2.51
N THR A 13 -35.58 6.58 2.12
CA THR A 13 -34.13 6.74 2.24
C THR A 13 -33.49 6.39 0.90
N ILE A 14 -32.70 7.32 0.35
CA ILE A 14 -32.02 7.13 -0.93
C ILE A 14 -30.53 6.97 -0.67
N PHE A 15 -30.01 5.79 -0.96
CA PHE A 15 -28.57 5.54 -0.92
C PHE A 15 -27.97 5.94 -2.26
N THR A 16 -27.14 6.99 -2.25
CA THR A 16 -26.47 7.42 -3.46
C THR A 16 -25.10 7.96 -3.08
N ASP A 17 -24.27 8.16 -4.10
CA ASP A 17 -22.94 8.72 -3.92
C ASP A 17 -22.78 9.93 -4.82
N ALA A 18 -21.85 10.80 -4.43
CA ALA A 18 -21.58 12.01 -5.20
C ALA A 18 -20.13 12.39 -5.00
N LYS A 19 -19.69 13.36 -5.78
CA LYS A 19 -18.31 13.84 -5.68
C LYS A 19 -18.26 14.92 -4.61
N GLU A 20 -17.15 14.94 -3.86
CA GLU A 20 -17.00 15.95 -2.82
C GLU A 20 -17.05 17.36 -3.40
N SER A 21 -16.59 17.53 -4.65
CA SER A 21 -16.63 18.81 -5.32
C SER A 21 -17.99 19.15 -5.94
N SER A 22 -18.88 18.17 -6.08
CA SER A 22 -20.19 18.44 -6.65
C SER A 22 -21.00 19.33 -5.71
N THR A 23 -21.87 20.15 -6.28
CA THR A 23 -22.64 21.12 -5.50
C THR A 23 -23.96 20.54 -5.00
N VAL A 24 -24.58 21.29 -4.07
CA VAL A 24 -25.87 20.91 -3.51
C VAL A 24 -26.95 20.87 -4.61
N PHE A 25 -26.89 21.82 -5.54
CA PHE A 25 -27.86 21.83 -6.64
C PHE A 25 -27.75 20.56 -7.47
N GLU A 26 -26.53 20.14 -7.79
CA GLU A 26 -26.31 18.91 -8.54
C GLU A 26 -26.84 17.70 -7.79
N LEU A 27 -26.82 17.72 -6.44
CA LEU A 27 -27.40 16.63 -5.68
C LEU A 27 -28.92 16.66 -5.73
N LYS A 28 -29.52 17.85 -5.82
CA LYS A 28 -30.96 17.94 -5.97
C LYS A 28 -31.41 17.41 -7.32
N ARG A 29 -30.57 17.53 -8.35
CA ARG A 29 -30.89 16.96 -9.64
C ARG A 29 -30.84 15.44 -9.60
N ILE A 30 -29.95 14.88 -8.77
CA ILE A 30 -29.92 13.44 -8.58
C ILE A 30 -31.23 12.97 -7.93
N VAL A 31 -31.70 13.72 -6.94
CA VAL A 31 -32.97 13.38 -6.29
C VAL A 31 -34.12 13.54 -7.26
N GLU A 32 -34.02 14.53 -8.17
CA GLU A 32 -35.07 14.75 -9.16
C GLU A 32 -35.29 13.52 -10.02
N GLY A 33 -34.20 12.89 -10.49
CA GLY A 33 -34.31 11.70 -11.31
C GLY A 33 -34.95 10.52 -10.61
N ILE A 34 -34.95 10.51 -9.27
CA ILE A 34 -35.52 9.42 -8.50
C ILE A 34 -36.93 9.75 -8.02
N LEU A 35 -37.09 10.87 -7.32
CA LEU A 35 -38.36 11.22 -6.68
C LEU A 35 -39.24 12.12 -7.54
N LYS A 36 -38.77 12.46 -8.74
CA LYS A 36 -39.58 13.17 -9.72
C LYS A 36 -40.05 14.52 -9.18
N ARG A 37 -39.14 15.22 -8.51
CA ARG A 37 -39.43 16.56 -8.02
C ARG A 37 -38.27 17.47 -8.45
N PRO A 38 -38.54 18.64 -8.99
CA PRO A 38 -37.47 19.48 -9.49
C PRO A 38 -36.68 20.08 -8.33
N PRO A 39 -35.45 20.53 -8.58
CA PRO A 39 -34.66 21.11 -7.48
C PRO A 39 -35.30 22.35 -6.87
N ASP A 40 -36.11 23.08 -7.62
CA ASP A 40 -36.76 24.25 -7.02
C ASP A 40 -37.77 23.89 -5.94
N GLU A 41 -38.13 22.61 -5.81
CA GLU A 41 -39.08 22.15 -4.81
C GLU A 41 -38.42 21.24 -3.78
N GLN A 42 -37.10 21.32 -3.64
CA GLN A 42 -36.37 20.49 -2.70
C GLN A 42 -35.57 21.38 -1.75
N ARG A 43 -35.52 20.98 -0.48
CA ARG A 43 -34.63 21.60 0.48
C ARG A 43 -33.79 20.51 1.13
N LEU A 44 -32.48 20.66 1.06
CA LEU A 44 -31.54 19.68 1.61
C LEU A 44 -30.92 20.21 2.89
N TYR A 45 -30.75 19.31 3.86
CA TYR A 45 -30.21 19.64 5.16
C TYR A 45 -29.05 18.71 5.49
N LYS A 46 -28.12 19.23 6.28
CA LYS A 46 -27.12 18.39 6.94
C LYS A 46 -27.35 18.62 8.42
N ASP A 47 -27.89 17.61 9.09
CA ASP A 47 -28.44 17.76 10.43
C ASP A 47 -29.58 18.77 10.35
N ASP A 48 -29.41 19.95 10.93
CA ASP A 48 -30.43 21.00 10.90
C ASP A 48 -29.96 22.23 10.14
N GLN A 49 -29.01 22.06 9.23
CA GLN A 49 -28.45 23.15 8.44
C GLN A 49 -28.98 23.12 7.02
N LEU A 50 -29.70 24.17 6.65
CA LEU A 50 -30.17 24.30 5.27
C LEU A 50 -28.97 24.49 4.35
N LEU A 51 -28.86 23.68 3.32
CA LEU A 51 -27.72 23.70 2.42
C LEU A 51 -27.98 24.65 1.25
N ASP A 52 -27.01 25.54 1.00
CA ASP A 52 -27.08 26.45 -0.13
C ASP A 52 -26.72 25.73 -1.41
N ASP A 53 -27.53 25.93 -2.46
CA ASP A 53 -27.30 25.25 -3.74
C ASP A 53 -25.89 25.50 -4.27
N GLY A 54 -25.34 26.69 -4.06
CA GLY A 54 -24.05 27.02 -4.66
C GLY A 54 -22.85 26.35 -4.00
N LYS A 55 -22.99 25.92 -2.76
CA LYS A 55 -21.88 25.31 -2.07
C LYS A 55 -21.69 23.86 -2.49
N THR A 56 -20.43 23.43 -2.54
CA THR A 56 -20.12 22.05 -2.84
C THR A 56 -20.49 21.18 -1.64
N LEU A 57 -20.52 19.87 -1.86
CA LEU A 57 -20.82 18.98 -0.74
C LEU A 57 -19.69 19.03 0.30
N GLY A 58 -18.45 19.17 -0.14
CA GLY A 58 -17.35 19.27 0.80
C GLY A 58 -17.43 20.52 1.66
N GLU A 59 -17.88 21.62 1.07
CA GLU A 59 -18.06 22.87 1.82
C GLU A 59 -19.21 22.78 2.81
N CYS A 60 -20.14 21.85 2.62
CA CYS A 60 -21.22 21.62 3.58
C CYS A 60 -20.78 20.76 4.77
N GLY A 61 -19.73 19.96 4.61
CA GLY A 61 -19.25 19.10 5.67
C GLY A 61 -19.17 17.64 5.30
N PHE A 62 -19.53 17.26 4.07
CA PHE A 62 -19.45 15.87 3.65
C PHE A 62 -18.04 15.65 3.11
N THR A 63 -17.27 14.82 3.79
CA THR A 63 -15.93 14.45 3.36
C THR A 63 -15.84 12.93 3.33
N SER A 64 -14.77 12.44 2.68
CA SER A 64 -14.54 11.00 2.63
C SER A 64 -14.41 10.40 4.02
N GLN A 65 -13.92 11.16 4.99
CA GLN A 65 -13.81 10.64 6.34
C GLN A 65 -15.17 10.51 7.02
N THR A 66 -16.11 11.41 6.72
CA THR A 66 -17.42 11.40 7.36
C THR A 66 -18.54 10.79 6.52
N ALA A 67 -18.30 10.50 5.23
CA ALA A 67 -19.34 9.95 4.34
C ALA A 67 -18.79 8.71 3.64
N ARG A 68 -18.69 7.63 4.39
CA ARG A 68 -18.09 6.40 3.94
C ARG A 68 -19.16 5.44 3.42
N PRO A 69 -18.81 4.55 2.48
CA PRO A 69 -19.81 3.59 1.99
C PRO A 69 -20.46 2.79 3.09
N GLN A 70 -19.67 2.34 4.07
CA GLN A 70 -20.17 1.56 5.19
C GLN A 70 -20.75 2.44 6.29
N ALA A 71 -20.60 3.76 6.19
CA ALA A 71 -21.20 4.69 7.16
C ALA A 71 -21.54 5.98 6.45
N PRO A 72 -22.64 5.99 5.69
CA PRO A 72 -22.99 7.18 4.92
C PRO A 72 -23.51 8.30 5.81
N ALA A 73 -23.29 9.53 5.37
CA ALA A 73 -23.82 10.69 6.08
C ALA A 73 -25.28 10.91 5.70
N THR A 74 -26.06 11.34 6.68
CA THR A 74 -27.50 11.52 6.47
C THR A 74 -27.76 12.93 5.94
N VAL A 75 -28.57 13.00 4.88
CA VAL A 75 -28.98 14.26 4.27
C VAL A 75 -30.51 14.36 4.37
N GLY A 76 -30.99 15.34 5.11
CA GLY A 76 -32.43 15.56 5.20
C GLY A 76 -32.97 16.23 3.95
N LEU A 77 -34.19 15.85 3.58
CA LEU A 77 -34.85 16.37 2.39
C LEU A 77 -36.27 16.81 2.70
N ALA A 78 -36.65 18.00 2.21
CA ALA A 78 -37.99 18.56 2.37
C ALA A 78 -38.53 18.99 1.02
N PHE A 79 -39.81 18.73 0.80
CA PHE A 79 -40.49 19.08 -0.45
C PHE A 79 -41.45 20.24 -0.23
N ARG A 80 -41.62 21.04 -1.29
CA ARG A 80 -42.54 22.18 -1.22
C ARG A 80 -43.98 21.77 -1.56
N THR A 84 -45.54 26.76 0.14
CA THR A 84 -44.54 26.77 1.20
C THR A 84 -43.79 25.44 1.24
N PHE A 85 -42.66 25.45 1.92
CA PHE A 85 -41.87 24.25 2.14
C PHE A 85 -42.30 23.58 3.44
N GLU A 86 -42.28 22.25 3.45
CA GLU A 86 -42.70 21.54 4.65
C GLU A 86 -41.53 21.49 5.64
N ALA A 87 -41.86 21.35 6.92
CA ALA A 87 -40.82 21.20 7.93
C ALA A 87 -40.16 19.83 7.76
N LEU A 88 -38.84 19.81 7.92
CA LEU A 88 -38.11 18.56 7.75
C LEU A 88 -38.64 17.51 8.73
N CYS A 89 -38.97 16.33 8.19
CA CYS A 89 -39.49 15.22 8.99
C CYS A 89 -38.80 13.95 8.55
N ILE A 90 -38.10 13.29 9.48
CA ILE A 90 -37.43 12.03 9.23
C ILE A 90 -37.97 11.01 10.23
N GLU A 91 -38.72 10.04 9.73
CA GLU A 91 -39.27 9.01 10.59
C GLU A 91 -38.14 8.08 11.07
N PRO A 92 -38.03 7.84 12.37
CA PRO A 92 -36.89 7.05 12.87
C PRO A 92 -36.99 5.59 12.46
N PHE A 93 -35.83 4.97 12.29
CA PHE A 93 -35.78 3.53 12.00
C PHE A 93 -36.23 2.73 13.21
N SER A 94 -36.33 1.42 13.02
CA SER A 94 -36.69 0.56 14.13
C SER A 94 -35.52 0.44 15.10
N SER A 95 -35.78 -0.19 16.25
CA SER A 95 -34.76 -0.33 17.27
C SER A 95 -34.42 -1.80 17.51
N PRO A 96 -33.15 -2.13 17.66
CA PRO A 96 -32.75 -3.52 17.97
C PRO A 96 -33.18 -3.89 19.37
N PRO A 97 -33.30 -5.18 19.67
CA PRO A 97 -33.68 -5.60 21.03
C PRO A 97 -32.52 -5.40 22.00
N GLU A 98 -32.84 -5.60 23.28
CA GLU A 98 -31.80 -5.50 24.30
C GLU A 98 -30.73 -6.54 24.04
N LEU A 99 -29.49 -6.18 24.27
CA LEU A 99 -28.37 -7.07 24.01
C LEU A 99 -28.40 -8.27 24.94
N PRO A 100 -28.43 -9.50 24.40
CA PRO A 100 -28.43 -10.68 25.28
C PRO A 100 -27.21 -10.70 26.18
N ASP A 101 -27.39 -11.30 27.36
CA ASP A 101 -26.31 -11.39 28.33
C ASP A 101 -25.15 -12.22 27.80
N VAL A 102 -25.44 -13.22 26.96
CA VAL A 102 -24.39 -14.00 26.32
C VAL A 102 -23.49 -13.16 25.44
N MET A 103 -23.94 -11.94 25.10
CA MET A 103 -23.14 -10.99 24.35
C MET A 103 -22.65 -9.85 25.24
N LYS A 104 -22.75 -10.01 26.56
CA LYS A 104 -22.38 -9.00 27.55
C LYS A 104 -23.26 -7.77 27.45
N MET B 2 -30.49 2.80 -13.22
CA MET B 2 -31.63 2.07 -12.69
C MET B 2 -31.51 1.89 -11.18
N TYR B 3 -32.65 2.01 -10.49
CA TYR B 3 -32.72 1.89 -9.05
C TYR B 3 -33.73 0.82 -8.65
N VAL B 4 -33.59 0.36 -7.42
CA VAL B 4 -34.49 -0.64 -6.84
C VAL B 4 -34.96 -0.11 -5.50
N LYS B 5 -36.23 -0.37 -5.20
CA LYS B 5 -36.85 0.08 -3.96
C LYS B 5 -37.08 -1.13 -3.07
N LEU B 6 -36.60 -1.05 -1.84
CA LEU B 6 -36.67 -2.13 -0.87
C LEU B 6 -37.51 -1.65 0.30
N ILE B 7 -38.54 -2.42 0.64
CA ILE B 7 -39.50 -2.04 1.67
C ILE B 7 -39.19 -2.87 2.91
N SER B 8 -39.06 -2.21 4.05
CA SER B 8 -38.79 -2.98 5.25
C SER B 8 -40.10 -3.53 5.80
N SER B 9 -40.01 -4.27 6.90
CA SER B 9 -41.23 -4.84 7.47
C SER B 9 -42.08 -3.77 8.13
N ASP B 10 -41.45 -2.68 8.57
CA ASP B 10 -42.16 -1.57 9.18
C ASP B 10 -42.45 -0.44 8.19
N GLY B 11 -42.35 -0.69 6.88
CA GLY B 11 -42.80 0.23 5.86
C GLY B 11 -41.82 1.31 5.42
N HIS B 12 -40.56 1.19 5.81
CA HIS B 12 -39.55 2.16 5.34
C HIS B 12 -39.15 1.80 3.91
N GLU B 13 -38.96 2.80 3.07
CA GLU B 13 -38.60 2.61 1.67
C GLU B 13 -37.15 3.00 1.44
N PHE B 14 -36.34 2.06 0.97
CA PHE B 14 -34.92 2.25 0.71
C PHE B 14 -34.65 2.12 -0.78
N ILE B 15 -34.27 3.23 -1.40
CA ILE B 15 -33.99 3.28 -2.83
C ILE B 15 -32.49 3.15 -3.03
N VAL B 16 -32.07 2.06 -3.67
CA VAL B 16 -30.66 1.81 -3.95
C VAL B 16 -30.49 1.51 -5.43
N LYS B 17 -29.26 1.73 -5.89
CA LYS B 17 -28.88 1.42 -7.28
C LYS B 17 -29.13 -0.05 -7.54
N ARG B 18 -29.60 -0.39 -8.75
CA ARG B 18 -29.93 -1.78 -9.03
C ARG B 18 -28.72 -2.68 -8.86
N GLU B 19 -27.56 -2.24 -9.35
CA GLU B 19 -26.34 -3.04 -9.21
C GLU B 19 -26.02 -3.33 -7.76
N HIS B 20 -26.32 -2.37 -6.88
CA HIS B 20 -26.09 -2.57 -5.45
C HIS B 20 -27.00 -3.64 -4.87
N ALA B 21 -28.27 -3.63 -5.27
CA ALA B 21 -29.22 -4.62 -4.75
C ALA B 21 -28.92 -6.02 -5.26
N LEU B 22 -28.36 -6.14 -6.47
CA LEU B 22 -28.03 -7.47 -7.00
C LEU B 22 -26.93 -8.17 -6.22
N THR B 23 -26.20 -7.45 -5.35
CA THR B 23 -25.23 -8.09 -4.47
C THR B 23 -25.88 -9.21 -3.66
N SER B 24 -27.15 -9.04 -3.30
CA SER B 24 -27.90 -10.08 -2.61
C SER B 24 -28.32 -11.16 -3.61
N GLY B 25 -28.10 -12.42 -3.24
CA GLY B 25 -28.54 -13.50 -4.10
C GLY B 25 -30.05 -13.63 -4.11
N THR B 26 -30.69 -13.36 -2.98
CA THR B 26 -32.14 -13.50 -2.88
C THR B 26 -32.86 -12.41 -3.67
N ILE B 27 -32.33 -11.20 -3.66
CA ILE B 27 -32.90 -10.12 -4.47
C ILE B 27 -32.64 -10.36 -5.95
N LYS B 28 -31.46 -10.89 -6.28
CA LYS B 28 -31.13 -11.20 -7.67
C LYS B 28 -32.11 -12.21 -8.26
N ALA B 29 -32.51 -13.20 -7.45
CA ALA B 29 -33.45 -14.20 -7.94
C ALA B 29 -34.82 -13.60 -8.22
N MET B 30 -35.27 -12.70 -7.34
CA MET B 30 -36.57 -12.07 -7.54
C MET B 30 -36.60 -11.15 -8.74
N LEU B 31 -35.44 -10.75 -9.25
CA LEU B 31 -35.41 -9.73 -10.29
C LEU B 31 -34.91 -10.35 -11.59
N ASN B 43 -38.77 -3.64 -9.79
CA ASN B 43 -38.46 -2.27 -9.38
C ASN B 43 -38.63 -2.10 -7.88
N GLU B 44 -39.55 -2.86 -7.29
CA GLU B 44 -39.84 -2.76 -5.86
C GLU B 44 -39.88 -4.16 -5.27
N VAL B 45 -39.28 -4.30 -4.09
CA VAL B 45 -39.19 -5.58 -3.39
C VAL B 45 -39.61 -5.35 -1.95
N ASN B 46 -40.52 -6.18 -1.45
CA ASN B 46 -41.03 -6.03 -0.10
C ASN B 46 -40.49 -7.14 0.78
N PHE B 47 -39.97 -6.77 1.95
CA PHE B 47 -39.43 -7.73 2.91
C PHE B 47 -40.18 -7.59 4.22
N ARG B 48 -40.94 -8.62 4.57
CA ARG B 48 -41.65 -8.67 5.85
C ARG B 48 -40.76 -9.23 6.95
N GLU B 49 -39.53 -9.60 6.62
CA GLU B 49 -38.66 -10.32 7.53
C GLU B 49 -37.46 -9.48 7.98
N ILE B 50 -37.35 -8.25 7.48
CA ILE B 50 -36.24 -7.37 7.77
C ILE B 50 -36.76 -6.02 8.27
N PRO B 51 -36.45 -5.61 9.50
CA PRO B 51 -36.90 -4.30 9.97
C PRO B 51 -36.12 -3.18 9.31
N SER B 52 -36.42 -1.93 9.68
CA SER B 52 -35.79 -0.82 8.97
C SER B 52 -34.34 -0.60 9.38
N HIS B 53 -34.04 -0.72 10.67
CA HIS B 53 -32.66 -0.49 11.11
C HIS B 53 -31.72 -1.57 10.59
N VAL B 54 -32.24 -2.74 10.28
CA VAL B 54 -31.41 -3.80 9.69
C VAL B 54 -31.29 -3.62 8.19
N LEU B 55 -32.40 -3.34 7.51
CA LEU B 55 -32.35 -3.18 6.07
C LEU B 55 -31.52 -1.95 5.69
N SER B 56 -31.53 -0.91 6.53
CA SER B 56 -30.66 0.24 6.30
C SER B 56 -29.20 -0.16 6.38
N LYS B 57 -28.84 -0.97 7.39
CA LYS B 57 -27.48 -1.49 7.49
C LYS B 57 -27.12 -2.37 6.30
N VAL B 58 -28.08 -3.16 5.82
CA VAL B 58 -27.85 -4.02 4.67
C VAL B 58 -27.50 -3.18 3.44
N CYS B 59 -28.21 -2.07 3.24
CA CYS B 59 -27.92 -1.20 2.10
C CYS B 59 -26.52 -0.58 2.22
N MET B 60 -26.08 -0.29 3.44
CA MET B 60 -24.71 0.20 3.63
C MET B 60 -23.71 -0.85 3.18
N TYR B 61 -24.00 -2.13 3.43
CA TYR B 61 -23.10 -3.18 2.95
C TYR B 61 -23.13 -3.24 1.42
N PHE B 62 -24.28 -3.00 0.80
CA PHE B 62 -24.36 -3.04 -0.65
C PHE B 62 -23.39 -2.04 -1.28
N THR B 63 -23.46 -0.77 -0.87
CA THR B 63 -22.54 0.22 -1.40
C THR B 63 -21.10 -0.10 -1.01
N TYR B 64 -20.90 -0.69 0.17
CA TYR B 64 -19.57 -1.09 0.62
C TYR B 64 -18.99 -2.16 -0.29
N LYS B 65 -19.80 -3.17 -0.61
CA LYS B 65 -19.32 -4.25 -1.48
C LYS B 65 -18.95 -3.71 -2.86
N VAL B 66 -19.87 -2.99 -3.49
CA VAL B 66 -19.65 -2.50 -4.85
C VAL B 66 -18.46 -1.55 -4.91
N ARG B 67 -18.24 -0.79 -3.84
CA ARG B 67 -17.13 0.17 -3.84
C ARG B 67 -15.79 -0.52 -3.70
N TYR B 68 -15.70 -1.55 -2.86
CA TYR B 68 -14.42 -2.12 -2.45
C TYR B 68 -14.11 -3.46 -3.08
N THR B 69 -14.99 -4.02 -3.90
CA THR B 69 -14.64 -5.24 -4.60
C THR B 69 -13.65 -4.90 -5.70
N ASN B 70 -12.55 -5.66 -5.74
CA ASN B 70 -11.46 -5.40 -6.68
C ASN B 70 -10.93 -3.98 -6.52
N SER B 71 -10.83 -3.52 -5.27
CA SER B 71 -10.36 -2.18 -5.02
C SER B 71 -8.85 -2.17 -5.00
N SER B 72 -8.26 -1.14 -5.62
CA SER B 72 -6.81 -1.03 -5.64
C SER B 72 -6.26 -0.34 -4.39
N THR B 73 -7.12 0.29 -3.59
CA THR B 73 -6.79 0.83 -2.26
C THR B 73 -7.11 -0.22 -1.19
N GLU B 74 -6.59 0.03 0.01
CA GLU B 74 -6.88 -0.82 1.16
C GLU B 74 -8.36 -0.78 1.50
N ILE B 75 -8.87 -1.90 1.99
CA ILE B 75 -10.29 -2.09 2.28
C ILE B 75 -10.50 -1.89 3.78
N PRO B 76 -11.42 -1.03 4.20
CA PRO B 76 -11.70 -0.87 5.62
C PRO B 76 -12.57 -1.99 6.17
N GLU B 77 -12.56 -2.11 7.49
CA GLU B 77 -13.38 -3.12 8.15
C GLU B 77 -14.84 -2.70 8.13
N PHE B 78 -15.72 -3.64 7.78
CA PHE B 78 -17.14 -3.34 7.84
C PHE B 78 -17.60 -3.36 9.30
N PRO B 79 -18.06 -2.23 9.85
CA PRO B 79 -18.43 -2.20 11.26
C PRO B 79 -19.81 -2.79 11.50
N ILE B 80 -19.95 -3.46 12.65
CA ILE B 80 -21.20 -4.08 13.07
C ILE B 80 -21.33 -3.90 14.57
N ALA B 81 -22.31 -3.12 15.01
CA ALA B 81 -22.54 -2.94 16.43
C ALA B 81 -23.10 -4.23 17.04
N PRO B 82 -22.68 -4.59 18.25
CA PRO B 82 -23.19 -5.83 18.87
C PRO B 82 -24.70 -5.91 18.96
N GLU B 83 -25.38 -4.77 19.11
CA GLU B 83 -26.83 -4.79 19.26
C GLU B 83 -27.55 -5.17 17.98
N ILE B 84 -26.91 -4.99 16.82
CA ILE B 84 -27.51 -5.33 15.54
C ILE B 84 -26.94 -6.59 14.93
N ALA B 85 -25.98 -7.24 15.61
CA ALA B 85 -25.24 -8.34 15.01
C ALA B 85 -26.16 -9.53 14.71
N LEU B 86 -26.98 -9.93 15.69
CA LEU B 86 -27.79 -11.12 15.51
C LEU B 86 -28.85 -10.95 14.43
N GLU B 87 -29.55 -9.80 14.44
CA GLU B 87 -30.55 -9.57 13.40
C GLU B 87 -29.90 -9.42 12.03
N LEU B 88 -28.73 -8.78 11.96
CA LEU B 88 -28.06 -8.62 10.68
C LEU B 88 -27.63 -9.96 10.11
N LEU B 89 -27.18 -10.86 10.98
CA LEU B 89 -26.81 -12.20 10.55
C LEU B 89 -27.98 -12.92 9.91
N MET B 90 -29.16 -12.83 10.52
CA MET B 90 -30.35 -13.46 9.93
C MET B 90 -30.70 -12.84 8.60
N ALA B 91 -30.68 -11.51 8.50
CA ALA B 91 -30.96 -10.85 7.23
C ALA B 91 -30.01 -11.33 6.15
N ALA B 92 -28.71 -11.26 6.41
CA ALA B 92 -27.73 -11.67 5.41
C ALA B 92 -27.92 -13.12 5.01
N ASN B 93 -28.26 -14.00 5.98
CA ASN B 93 -28.54 -15.39 5.66
C ASN B 93 -29.75 -15.51 4.74
N PHE B 94 -30.75 -14.67 4.96
CA PHE B 94 -31.95 -14.66 4.12
C PHE B 94 -31.69 -14.03 2.77
N LEU B 95 -30.88 -12.98 2.72
CA LEU B 95 -30.61 -12.27 1.48
C LEU B 95 -29.51 -12.92 0.64
N ASP B 96 -28.75 -13.85 1.22
CA ASP B 96 -27.63 -14.50 0.54
C ASP B 96 -26.62 -13.45 0.04
N CYS B 97 -26.06 -12.72 1.00
CA CYS B 97 -25.06 -11.69 0.68
C CYS B 97 -23.97 -11.65 1.74
N ARG C 9 1.52 -34.94 -4.54
CA ARG C 9 0.13 -35.15 -4.93
C ARG C 9 -0.75 -33.88 -4.92
N PRO C 10 -0.73 -33.10 -3.84
CA PRO C 10 -1.59 -31.91 -3.80
C PRO C 10 -1.20 -30.90 -4.87
N VAL C 11 -2.21 -30.36 -5.55
CA VAL C 11 -1.96 -29.42 -6.63
C VAL C 11 -1.42 -28.10 -6.10
N LEU C 12 -1.97 -27.62 -4.99
CA LEU C 12 -1.51 -26.36 -4.37
C LEU C 12 -0.29 -26.67 -3.51
N ARG C 13 0.88 -26.46 -4.09
CA ARG C 13 2.13 -26.70 -3.40
C ARG C 13 3.16 -25.77 -4.01
N SER C 14 4.29 -25.62 -3.31
CA SER C 14 5.37 -24.80 -3.83
C SER C 14 6.25 -25.61 -4.78
N VAL C 15 6.80 -24.92 -5.77
CA VAL C 15 7.75 -25.52 -6.69
C VAL C 15 9.15 -25.40 -6.09
N ASN C 16 9.89 -26.50 -6.08
CA ASN C 16 11.24 -26.55 -5.53
C ASN C 16 12.22 -25.92 -6.52
N SER C 17 12.11 -24.59 -6.67
CA SER C 17 12.94 -23.93 -7.68
C SER C 17 14.34 -23.60 -7.17
N ARG C 18 14.50 -23.36 -5.87
CA ARG C 18 15.77 -22.97 -5.26
C ARG C 18 16.35 -21.71 -5.90
N GLU C 19 15.51 -20.89 -6.51
CA GLU C 19 15.93 -19.63 -7.11
C GLU C 19 15.41 -18.48 -6.24
N PRO C 20 16.29 -17.78 -5.51
CA PRO C 20 15.82 -16.76 -4.56
C PRO C 20 15.02 -15.65 -5.23
N SER C 21 14.08 -15.09 -4.47
CA SER C 21 13.21 -14.01 -4.93
C SER C 21 12.93 -13.11 -3.74
N GLN C 22 13.29 -11.83 -3.86
CA GLN C 22 13.04 -10.86 -2.81
C GLN C 22 11.61 -10.35 -2.90
N VAL C 23 10.88 -10.41 -1.78
CA VAL C 23 9.46 -10.05 -1.72
C VAL C 23 9.23 -9.13 -0.53
N ILE C 24 8.30 -8.19 -0.69
CA ILE C 24 7.90 -7.29 0.38
C ILE C 24 6.50 -7.68 0.84
N PHE C 25 6.38 -8.17 2.07
CA PHE C 25 5.07 -8.36 2.69
C PHE C 25 4.61 -7.03 3.28
N CYS C 26 3.43 -6.58 2.89
CA CYS C 26 2.90 -5.32 3.40
C CYS C 26 1.47 -5.53 3.87
N ASN C 27 1.25 -5.38 5.18
CA ASN C 27 -0.05 -5.59 5.82
C ASN C 27 -0.83 -4.29 5.82
N ARG C 28 -1.61 -4.09 4.76
CA ARG C 28 -2.53 -2.96 4.63
C ARG C 28 -3.94 -3.30 5.12
N SER C 29 -4.03 -4.12 6.17
CA SER C 29 -5.29 -4.51 6.80
C SER C 29 -5.28 -4.14 8.27
N PRO C 30 -6.44 -4.03 8.91
CA PRO C 30 -6.49 -3.78 10.35
C PRO C 30 -6.22 -5.02 11.21
N ARG C 31 -5.92 -6.15 10.60
CA ARG C 31 -5.71 -7.41 11.31
C ARG C 31 -4.22 -7.70 11.46
N VAL C 32 -3.91 -8.59 12.39
CA VAL C 32 -2.57 -9.19 12.47
C VAL C 32 -2.52 -10.33 11.47
N VAL C 33 -1.61 -10.23 10.50
CA VAL C 33 -1.56 -11.17 9.39
C VAL C 33 -0.68 -12.35 9.78
N LEU C 34 -1.17 -13.56 9.50
CA LEU C 34 -0.36 -14.76 9.62
C LEU C 34 0.03 -15.20 8.21
N PRO C 35 1.26 -14.94 7.77
CA PRO C 35 1.69 -15.49 6.48
C PRO C 35 1.81 -16.99 6.56
N VAL C 36 1.20 -17.68 5.60
CA VAL C 36 1.20 -19.13 5.55
C VAL C 36 1.83 -19.54 4.23
N TRP C 37 2.87 -20.37 4.30
CA TRP C 37 3.57 -20.87 3.14
C TRP C 37 3.18 -22.32 2.92
N LEU C 38 2.76 -22.62 1.70
CA LEU C 38 2.48 -23.99 1.29
C LEU C 38 3.79 -24.63 0.86
N ASN C 39 4.25 -25.62 1.62
CA ASN C 39 5.54 -26.24 1.36
C ASN C 39 5.43 -27.10 0.10
N PHE C 40 6.51 -27.84 -0.19
CA PHE C 40 6.58 -28.64 -1.40
C PHE C 40 5.64 -29.83 -1.37
N ASP C 41 5.01 -30.12 -0.23
CA ASP C 41 3.99 -31.15 -0.11
C ASP C 41 2.59 -30.58 0.05
N GLY C 42 2.43 -29.27 -0.08
CA GLY C 42 1.11 -28.69 0.04
C GLY C 42 0.64 -28.43 1.45
N GLU C 43 1.50 -28.60 2.45
CA GLU C 43 1.10 -28.39 3.84
C GLU C 43 1.33 -26.93 4.26
N PRO C 44 0.40 -26.36 5.03
CA PRO C 44 0.58 -24.98 5.50
C PRO C 44 1.67 -24.88 6.55
N GLN C 45 2.53 -23.90 6.39
CA GLN C 45 3.62 -23.66 7.38
C GLN C 45 3.56 -22.21 7.83
N PRO C 46 3.19 -21.91 9.08
CA PRO C 46 3.09 -20.52 9.54
C PRO C 46 4.45 -19.85 9.63
N TYR C 47 4.48 -18.56 9.33
CA TYR C 47 5.66 -17.72 9.40
C TYR C 47 5.40 -16.56 10.36
N PRO C 48 6.41 -15.78 10.75
CA PRO C 48 6.18 -14.70 11.73
C PRO C 48 5.12 -13.72 11.26
N THR C 49 4.31 -13.26 12.20
CA THR C 49 3.15 -12.43 11.92
C THR C 49 3.54 -10.98 11.63
N LEU C 50 2.61 -10.25 11.01
CA LEU C 50 2.78 -8.84 10.70
C LEU C 50 1.69 -8.05 11.41
N PRO C 51 2.04 -7.16 12.34
CA PRO C 51 1.04 -6.24 12.88
C PRO C 51 0.49 -5.35 11.80
N PRO C 52 -0.69 -4.75 12.01
CA PRO C 52 -1.29 -3.90 10.97
C PRO C 52 -0.40 -2.73 10.59
N GLY C 53 -0.43 -2.39 9.30
CA GLY C 53 0.35 -1.30 8.76
C GLY C 53 1.84 -1.54 8.67
N THR C 54 2.30 -2.79 8.77
CA THR C 54 3.71 -3.10 8.85
C THR C 54 4.16 -3.74 7.55
N GLY C 55 5.38 -3.39 7.12
CA GLY C 55 6.01 -4.03 6.00
C GLY C 55 7.19 -4.88 6.45
N ARG C 56 7.65 -5.73 5.55
CA ARG C 56 8.76 -6.63 5.88
C ARG C 56 9.37 -7.15 4.58
N ARG C 57 10.67 -6.97 4.42
CA ARG C 57 11.36 -7.51 3.25
C ARG C 57 11.68 -8.97 3.54
N ILE C 58 11.06 -9.89 2.81
CA ILE C 58 11.25 -11.31 3.08
C ILE C 58 12.02 -11.94 1.94
N HIS C 59 12.63 -13.09 2.24
CA HIS C 59 13.45 -13.87 1.32
C HIS C 59 12.68 -15.12 0.95
N SER C 60 12.22 -15.19 -0.31
CA SER C 60 11.47 -16.33 -0.79
C SER C 60 12.12 -16.91 -2.04
N TYR C 61 11.38 -17.73 -2.78
CA TYR C 61 11.90 -18.39 -3.97
C TYR C 61 10.83 -18.42 -5.03
N ARG C 62 11.27 -18.57 -6.28
CA ARG C 62 10.34 -18.59 -7.41
C ARG C 62 9.42 -19.79 -7.36
N GLY C 63 8.15 -19.56 -7.68
CA GLY C 63 7.17 -20.63 -7.69
C GLY C 63 6.66 -21.08 -6.34
N HIS C 64 6.95 -20.33 -5.27
CA HIS C 64 6.44 -20.67 -3.95
C HIS C 64 5.06 -20.05 -3.72
N LEU C 65 4.20 -20.79 -3.02
CA LEU C 65 2.79 -20.41 -2.82
C LEU C 65 2.57 -19.83 -1.43
N TRP C 66 1.89 -18.69 -1.37
CA TRP C 66 1.62 -18.01 -0.11
C TRP C 66 0.13 -17.69 -0.01
N LEU C 67 -0.40 -17.78 1.21
CA LEU C 67 -1.70 -17.20 1.55
C LEU C 67 -1.56 -16.53 2.91
N PHE C 68 -2.55 -15.70 3.25
CA PHE C 68 -2.46 -14.86 4.44
C PHE C 68 -3.78 -14.91 5.19
N ARG C 69 -3.71 -15.10 6.50
N ARG C 69 -3.71 -15.10 6.50
CA ARG C 69 -4.88 -15.23 7.35
CA ARG C 69 -4.89 -15.24 7.34
C ARG C 69 -4.75 -14.33 8.57
C ARG C 69 -4.74 -14.38 8.59
N ASP C 70 -5.87 -14.12 9.25
CA ASP C 70 -5.88 -13.40 10.52
C ASP C 70 -5.22 -14.28 11.58
N ALA C 71 -4.19 -13.75 12.23
CA ALA C 71 -3.38 -14.59 13.11
C ALA C 71 -4.18 -15.15 14.28
N GLY C 72 -5.22 -14.44 14.72
CA GLY C 72 -5.99 -14.90 15.86
C GLY C 72 -7.18 -15.76 15.51
N THR C 73 -7.87 -15.42 14.42
CA THR C 73 -9.12 -16.08 14.03
C THR C 73 -9.01 -16.88 12.73
N HIS C 74 -7.88 -16.80 12.03
CA HIS C 74 -7.70 -17.45 10.74
C HIS C 74 -8.70 -16.97 9.69
N ASP C 75 -9.32 -15.80 9.90
CA ASP C 75 -10.17 -15.22 8.86
C ASP C 75 -9.36 -15.03 7.59
N GLY C 76 -9.98 -15.26 6.44
CA GLY C 76 -9.28 -15.14 5.18
C GLY C 76 -8.91 -13.71 4.85
N LEU C 77 -7.80 -13.56 4.15
CA LEU C 77 -7.32 -12.26 3.70
C LEU C 77 -6.90 -12.39 2.24
N LEU C 78 -6.75 -11.24 1.58
CA LEU C 78 -6.36 -11.19 0.18
C LEU C 78 -4.96 -10.63 0.04
N VAL C 79 -4.25 -11.11 -0.97
CA VAL C 79 -2.94 -10.57 -1.34
C VAL C 79 -2.99 -10.21 -2.82
N ASN C 80 -2.71 -8.95 -3.13
CA ASN C 80 -2.80 -8.41 -4.49
C ASN C 80 -4.14 -8.75 -5.13
N GLN C 81 -5.21 -8.50 -4.37
CA GLN C 81 -6.60 -8.67 -4.78
C GLN C 81 -7.02 -10.12 -4.99
N THR C 82 -6.20 -11.10 -4.64
CA THR C 82 -6.55 -12.50 -4.86
C THR C 82 -6.18 -13.33 -3.65
N GLU C 83 -6.45 -14.64 -3.73
CA GLU C 83 -6.32 -15.53 -2.58
C GLU C 83 -4.89 -16.02 -2.39
N LEU C 84 -4.12 -16.18 -3.46
CA LEU C 84 -2.80 -16.75 -3.40
C LEU C 84 -1.76 -15.79 -3.96
N PHE C 85 -0.52 -15.94 -3.50
CA PHE C 85 0.59 -15.11 -3.97
C PHE C 85 1.73 -16.03 -4.38
N VAL C 86 2.16 -15.95 -5.63
CA VAL C 86 3.29 -16.72 -6.13
C VAL C 86 4.32 -15.76 -6.70
N PRO C 87 5.43 -15.52 -5.99
CA PRO C 87 6.48 -14.66 -6.53
C PRO C 87 7.25 -15.38 -7.63
N SER C 88 7.52 -14.66 -8.71
CA SER C 88 8.42 -15.09 -9.77
C SER C 88 9.83 -14.52 -9.52
N LEU C 89 10.66 -14.56 -10.56
CA LEU C 89 12.00 -13.99 -10.52
C LEU C 89 11.94 -12.47 -10.54
N ASN C 90 12.79 -11.84 -9.72
CA ASN C 90 12.92 -10.39 -9.71
C ASN C 90 13.53 -9.89 -11.01
N VAL C 91 12.92 -8.85 -11.58
CA VAL C 91 13.44 -8.21 -12.78
C VAL C 91 14.43 -7.12 -12.35
N ASP C 92 15.70 -7.32 -12.65
CA ASP C 92 16.74 -6.33 -12.33
C ASP C 92 16.78 -6.02 -10.84
N GLY C 93 16.59 -7.06 -10.02
CA GLY C 93 16.68 -6.96 -8.59
C GLY C 93 15.60 -6.15 -7.91
N GLN C 94 14.58 -5.72 -8.64
CA GLN C 94 13.55 -4.99 -7.93
C GLN C 94 12.60 -5.96 -7.21
N PRO C 95 12.16 -5.63 -6.01
CA PRO C 95 11.34 -6.56 -5.23
C PRO C 95 9.91 -6.68 -5.73
N ILE C 96 9.36 -7.88 -5.53
CA ILE C 96 7.98 -8.19 -5.87
C ILE C 96 7.11 -7.85 -4.67
N PHE C 97 6.11 -7.01 -4.88
CA PHE C 97 5.30 -6.48 -3.79
C PHE C 97 4.09 -7.36 -3.55
N ALA C 98 3.78 -7.58 -2.27
CA ALA C 98 2.62 -8.37 -1.86
C ALA C 98 1.78 -7.51 -0.92
N ASN C 99 0.69 -6.96 -1.44
CA ASN C 99 -0.18 -6.06 -0.69
C ASN C 99 -1.28 -6.89 -0.04
N ILE C 100 -1.23 -7.01 1.29
CA ILE C 100 -2.15 -7.86 2.03
C ILE C 100 -3.27 -6.99 2.59
N THR C 101 -4.50 -7.28 2.18
CA THR C 101 -5.67 -6.52 2.59
C THR C 101 -6.76 -7.46 3.07
N LEU C 102 -7.77 -6.85 3.68
CA LEU C 102 -9.02 -7.55 3.92
C LEU C 102 -9.68 -7.88 2.59
N PRO C 103 -10.42 -8.98 2.54
CA PRO C 103 -11.33 -9.18 1.41
C PRO C 103 -12.60 -8.37 1.66
N VAL C 104 -13.51 -8.43 0.69
CA VAL C 104 -14.88 -7.97 0.90
C VAL C 104 -15.62 -9.23 1.36
N TYR C 105 -15.67 -9.41 2.67
CA TYR C 105 -16.41 -10.53 3.21
C TYR C 105 -17.89 -10.42 2.82
N THR C 106 -18.52 -11.55 2.63
CA THR C 106 -19.97 -11.56 2.57
C THR C 106 -20.52 -11.03 3.89
N LEU C 107 -21.66 -10.35 3.82
CA LEU C 107 -22.26 -9.81 5.04
C LEU C 107 -22.51 -10.91 6.07
N LYS C 108 -22.92 -12.10 5.61
CA LYS C 108 -23.15 -13.20 6.53
C LYS C 108 -21.86 -13.64 7.22
N GLU C 109 -20.76 -13.72 6.47
CA GLU C 109 -19.50 -14.12 7.08
C GLU C 109 -18.97 -13.05 8.02
N ARG C 110 -19.12 -11.77 7.66
CA ARG C 110 -18.70 -10.71 8.55
C ARG C 110 -19.53 -10.73 9.83
N CYS C 111 -20.83 -10.99 9.71
CA CYS C 111 -21.66 -11.14 10.91
C CYS C 111 -21.20 -12.30 11.76
N LEU C 112 -20.87 -13.44 11.13
CA LEU C 112 -20.37 -14.58 11.89
C LEU C 112 -19.13 -14.19 12.67
N GLN C 113 -18.23 -13.42 12.04
CA GLN C 113 -17.01 -13.00 12.69
C GLN C 113 -17.31 -12.17 13.94
N VAL C 114 -18.28 -11.25 13.84
CA VAL C 114 -18.56 -10.35 14.96
C VAL C 114 -19.29 -11.09 16.08
N VAL C 115 -20.14 -12.06 15.74
CA VAL C 115 -20.80 -12.84 16.78
C VAL C 115 -19.80 -13.79 17.43
N ARG C 116 -18.92 -14.39 16.63
CA ARG C 116 -17.86 -15.24 17.17
C ARG C 116 -16.96 -14.47 18.15
N SER C 117 -16.75 -13.17 17.89
CA SER C 117 -15.88 -12.37 18.75
C SER C 117 -16.60 -11.87 20.01
N LEU C 118 -17.92 -11.96 20.06
CA LEU C 118 -18.71 -11.48 21.19
C LEU C 118 -19.24 -12.59 22.08
N VAL C 119 -19.67 -13.72 21.52
CA VAL C 119 -20.23 -14.81 22.30
C VAL C 119 -19.17 -15.88 22.53
N LYS C 120 -19.28 -16.58 23.66
CA LYS C 120 -18.33 -17.67 23.86
C LYS C 120 -18.87 -18.93 23.21
N PRO C 121 -18.00 -19.79 22.65
CA PRO C 121 -18.48 -20.94 21.89
C PRO C 121 -19.43 -21.84 22.65
N GLU C 122 -19.29 -21.92 23.98
CA GLU C 122 -20.23 -22.69 24.77
C GLU C 122 -21.64 -22.09 24.70
N ASN C 123 -21.75 -20.76 24.68
CA ASN C 123 -23.04 -20.08 24.60
C ASN C 123 -23.47 -19.73 23.18
N TYR C 124 -22.86 -20.33 22.17
CA TYR C 124 -23.30 -20.08 20.79
C TYR C 124 -24.78 -20.42 20.64
N ARG C 125 -25.18 -21.58 21.13
CA ARG C 125 -26.54 -22.09 20.98
C ARG C 125 -27.54 -21.44 21.92
N ARG C 126 -27.12 -20.45 22.72
CA ARG C 126 -28.04 -19.69 23.55
C ARG C 126 -28.55 -18.42 22.86
N LEU C 127 -28.23 -18.23 21.58
CA LEU C 127 -28.62 -17.04 20.85
C LEU C 127 -30.00 -17.20 20.22
N ASP C 128 -30.72 -16.09 20.06
CA ASP C 128 -32.07 -16.07 19.49
C ASP C 128 -32.04 -16.08 17.96
N ILE C 129 -31.43 -17.11 17.40
CA ILE C 129 -31.29 -17.27 15.96
C ILE C 129 -31.80 -18.65 15.55
N VAL C 130 -31.69 -18.94 14.24
CA VAL C 130 -32.08 -20.22 13.67
C VAL C 130 -31.01 -21.26 13.96
N ARG C 131 -31.45 -22.52 14.13
CA ARG C 131 -30.54 -23.62 14.36
C ARG C 131 -29.50 -23.76 13.25
N SER C 132 -29.86 -23.42 12.01
CA SER C 132 -28.91 -23.45 10.92
C SER C 132 -27.70 -22.57 11.20
N LEU C 133 -27.92 -21.39 11.79
CA LEU C 133 -26.84 -20.47 12.11
C LEU C 133 -25.99 -20.94 13.29
N TYR C 134 -26.51 -21.81 14.15
CA TYR C 134 -25.69 -22.38 15.22
C TYR C 134 -24.53 -23.18 14.64
N GLU C 135 -24.76 -23.87 13.52
CA GLU C 135 -23.70 -24.61 12.85
C GLU C 135 -22.73 -23.67 12.14
N ASP C 136 -23.25 -22.59 11.55
CA ASP C 136 -22.37 -21.64 10.86
C ASP C 136 -21.44 -20.93 11.84
N LEU C 137 -21.91 -20.66 13.06
CA LEU C 137 -21.04 -20.04 14.06
C LEU C 137 -19.91 -20.97 14.48
N GLU C 138 -20.20 -22.27 14.60
CA GLU C 138 -19.20 -23.22 15.06
C GLU C 138 -18.21 -23.60 13.97
N ASP C 139 -18.55 -23.37 12.70
CA ASP C 139 -17.68 -23.70 11.56
C ASP C 139 -16.64 -22.61 11.38
N HIS C 140 -15.69 -22.58 12.33
CA HIS C 140 -14.67 -21.54 12.35
C HIS C 140 -13.81 -21.59 11.07
N PRO C 141 -13.14 -20.47 10.73
CA PRO C 141 -12.25 -20.48 9.57
C PRO C 141 -11.18 -21.57 9.69
N ASN C 142 -10.91 -22.22 8.55
CA ASN C 142 -10.09 -23.42 8.52
C ASN C 142 -9.19 -23.37 7.29
N VAL C 143 -7.87 -23.34 7.51
CA VAL C 143 -6.94 -23.25 6.38
C VAL C 143 -6.96 -24.52 5.55
N GLN C 144 -7.00 -25.68 6.20
CA GLN C 144 -7.00 -26.94 5.46
C GLN C 144 -8.25 -27.07 4.60
N LYS C 145 -9.40 -26.64 5.12
CA LYS C 145 -10.64 -26.71 4.34
C LYS C 145 -10.62 -25.74 3.18
N ASP C 146 -10.08 -24.52 3.39
CA ASP C 146 -9.99 -23.57 2.29
C ASP C 146 -9.07 -24.07 1.19
N LEU C 147 -8.09 -24.89 1.54
CA LEU C 147 -7.23 -25.47 0.50
C LEU C 147 -8.00 -26.45 -0.36
N GLU C 148 -8.92 -27.21 0.24
CA GLU C 148 -9.74 -28.13 -0.56
C GLU C 148 -10.63 -27.35 -1.51
N ARG C 149 -11.21 -26.25 -1.04
CA ARG C 149 -12.08 -25.45 -1.90
C ARG C 149 -11.30 -24.83 -3.05
N LEU C 150 -10.11 -24.31 -2.75
CA LEU C 150 -9.26 -23.73 -3.79
C LEU C 150 -8.74 -24.79 -4.74
N THR C 151 -8.48 -26.01 -4.23
CA THR C 151 -8.07 -27.10 -5.12
C THR C 151 -9.18 -27.47 -6.08
N GLN C 152 -10.42 -27.49 -5.61
CA GLN C 152 -11.53 -27.85 -6.48
C GLN C 152 -11.88 -26.72 -7.45
N GLU C 153 -11.87 -25.48 -6.98
CA GLU C 153 -12.13 -24.35 -7.86
C GLU C 153 -11.12 -24.28 -9.01
N ARG C 154 -9.97 -24.91 -8.85
CA ARG C 154 -8.97 -24.98 -9.91
C ARG C 154 -9.47 -25.84 -11.06
N MET D 2 26.03 -20.01 38.06
CA MET D 2 26.51 -20.63 36.82
C MET D 2 25.49 -20.56 35.71
N THR D 3 25.57 -19.50 34.90
CA THR D 3 24.69 -19.31 33.76
C THR D 3 25.24 -20.01 32.54
N GLU D 4 24.34 -20.46 31.66
CA GLU D 4 24.72 -21.16 30.45
C GLU D 4 24.32 -20.36 29.22
N TYR D 5 25.18 -20.33 28.22
CA TYR D 5 24.94 -19.66 26.95
C TYR D 5 25.14 -20.66 25.83
N LYS D 6 24.13 -20.84 24.98
CA LYS D 6 24.17 -21.79 23.88
C LYS D 6 24.55 -21.04 22.61
N LEU D 7 25.74 -21.31 22.10
CA LEU D 7 26.29 -20.60 20.96
C LEU D 7 26.37 -21.53 19.77
N VAL D 8 26.04 -21.02 18.59
CA VAL D 8 26.06 -21.81 17.36
C VAL D 8 26.93 -21.09 16.34
N VAL D 9 27.92 -21.80 15.79
CA VAL D 9 28.86 -21.25 14.83
C VAL D 9 28.46 -21.76 13.44
N VAL D 10 28.02 -20.85 12.58
CA VAL D 10 27.55 -21.20 11.24
C VAL D 10 28.39 -20.47 10.22
N GLY D 11 28.21 -20.85 8.95
CA GLY D 11 28.97 -20.31 7.85
C GLY D 11 29.35 -21.39 6.87
N ALA D 12 29.81 -20.99 5.68
CA ALA D 12 30.12 -21.93 4.63
C ALA D 12 31.23 -22.89 5.07
N ASP D 13 31.31 -24.03 4.38
CA ASP D 13 32.35 -25.00 4.68
C ASP D 13 33.72 -24.38 4.43
N GLY D 14 34.63 -24.61 5.37
CA GLY D 14 35.99 -24.16 5.20
C GLY D 14 36.25 -22.73 5.60
N VAL D 15 35.29 -22.05 6.22
CA VAL D 15 35.54 -20.68 6.64
C VAL D 15 36.33 -20.62 7.93
N GLY D 16 36.41 -21.71 8.70
CA GLY D 16 37.16 -21.74 9.94
C GLY D 16 36.30 -21.95 11.17
N LYS D 17 35.08 -22.46 10.99
CA LYS D 17 34.20 -22.69 12.14
C LYS D 17 34.87 -23.61 13.14
N SER D 18 35.41 -24.73 12.66
CA SER D 18 36.05 -25.69 13.55
C SER D 18 37.35 -25.14 14.15
N ALA D 19 38.13 -24.41 13.34
CA ALA D 19 39.38 -23.85 13.84
C ALA D 19 39.12 -22.76 14.87
N LEU D 20 38.11 -21.92 14.63
CA LEU D 20 37.77 -20.90 15.61
C LEU D 20 37.32 -21.54 16.93
N THR D 21 36.52 -22.59 16.85
CA THR D 21 35.99 -23.21 18.06
C THR D 21 37.11 -23.90 18.85
N ILE D 22 37.92 -24.72 18.18
CA ILE D 22 38.97 -25.45 18.86
C ILE D 22 40.01 -24.48 19.44
N GLN D 23 40.24 -23.34 18.78
CA GLN D 23 41.15 -22.35 19.33
C GLN D 23 40.61 -21.74 20.62
N LEU D 24 39.29 -21.60 20.73
CA LEU D 24 38.71 -21.00 21.92
C LEU D 24 38.76 -21.93 23.12
N ILE D 25 38.45 -23.20 22.92
CA ILE D 25 38.37 -24.15 24.03
C ILE D 25 39.70 -24.82 24.30
N GLN D 26 40.37 -25.31 23.27
CA GLN D 26 41.60 -26.09 23.46
C GLN D 26 42.87 -25.28 23.25
N ASN D 27 42.75 -24.03 22.81
CA ASN D 27 43.87 -23.09 22.77
C ASN D 27 45.00 -23.57 21.86
N HIS D 28 44.63 -24.13 20.71
CA HIS D 28 45.61 -24.46 19.68
C HIS D 28 44.92 -24.43 18.33
N PHE D 29 45.72 -24.32 17.27
CA PHE D 29 45.21 -24.15 15.91
C PHE D 29 45.28 -25.48 15.17
N VAL D 30 44.12 -25.95 14.70
CA VAL D 30 44.02 -27.19 13.93
C VAL D 30 44.10 -26.86 12.44
N ASP D 31 45.09 -27.44 11.76
CA ASP D 31 45.32 -27.13 10.35
C ASP D 31 44.37 -27.87 9.42
N GLU D 32 43.89 -29.05 9.81
CA GLU D 32 42.99 -29.83 8.94
C GLU D 32 42.03 -30.63 9.83
N TYR D 33 40.89 -30.03 10.15
CA TYR D 33 39.83 -30.71 10.88
C TYR D 33 38.76 -31.18 9.89
N ASP D 34 38.31 -32.42 10.05
CA ASP D 34 37.35 -33.05 9.16
C ASP D 34 36.16 -32.13 8.91
N PRO D 35 35.92 -31.71 7.67
CA PRO D 35 34.76 -30.83 7.40
C PRO D 35 33.42 -31.45 7.75
N THR D 36 33.38 -32.75 8.07
CA THR D 36 32.13 -33.45 8.31
C THR D 36 31.77 -33.57 9.79
N ILE D 37 32.73 -33.42 10.69
CA ILE D 37 32.45 -33.70 12.09
C ILE D 37 31.79 -32.47 12.70
N GLU D 38 30.53 -32.62 13.08
CA GLU D 38 29.81 -31.62 13.85
C GLU D 38 29.77 -32.10 15.28
N ASP D 39 30.05 -31.19 16.21
CA ASP D 39 30.12 -31.54 17.62
C ASP D 39 29.79 -30.30 18.44
N SER D 40 29.51 -30.53 19.71
CA SER D 40 29.29 -29.45 20.66
C SER D 40 30.41 -29.48 21.69
N TYR D 41 30.84 -28.29 22.11
CA TYR D 41 31.92 -28.16 23.06
C TYR D 41 31.45 -27.29 24.22
N ARG D 42 31.81 -27.68 25.43
CA ARG D 42 31.47 -26.95 26.65
C ARG D 42 32.73 -26.37 27.28
N LYS D 43 32.64 -25.14 27.77
CA LYS D 43 33.80 -24.54 28.43
C LYS D 43 33.32 -23.57 29.51
N GLN D 44 33.94 -23.66 30.68
CA GLN D 44 33.73 -22.69 31.74
C GLN D 44 34.66 -21.50 31.48
N VAL D 45 34.07 -20.31 31.39
CA VAL D 45 34.83 -19.10 31.10
C VAL D 45 34.32 -17.99 32.01
N VAL D 46 35.21 -17.03 32.30
CA VAL D 46 34.84 -15.84 33.05
C VAL D 46 34.75 -14.71 32.05
N ILE D 47 33.56 -14.15 31.90
CA ILE D 47 33.29 -13.07 30.95
C ILE D 47 32.71 -11.92 31.75
N ASP D 48 33.45 -10.81 31.82
CA ASP D 48 33.05 -9.62 32.56
C ASP D 48 32.77 -9.94 34.03
N GLY D 49 33.57 -10.84 34.60
CA GLY D 49 33.42 -11.21 35.99
C GLY D 49 32.44 -12.33 36.26
N GLU D 50 31.61 -12.70 35.28
CA GLU D 50 30.63 -13.76 35.43
C GLU D 50 31.20 -15.08 34.94
N THR D 51 31.06 -16.12 35.75
CA THR D 51 31.46 -17.46 35.34
C THR D 51 30.31 -18.08 34.53
N CYS D 52 30.60 -18.43 33.28
CA CYS D 52 29.57 -18.95 32.39
C CYS D 52 29.97 -20.32 31.85
N LEU D 53 28.96 -21.11 31.52
CA LEU D 53 29.16 -22.33 30.73
C LEU D 53 28.78 -22.00 29.30
N LEU D 54 29.74 -22.12 28.40
CA LEU D 54 29.51 -21.88 26.98
C LEU D 54 29.26 -23.23 26.32
N ASP D 55 28.13 -23.36 25.65
CA ASP D 55 27.79 -24.58 24.93
C ASP D 55 27.85 -24.25 23.44
N ILE D 56 29.01 -24.51 22.83
CA ILE D 56 29.30 -24.12 21.46
C ILE D 56 28.99 -25.27 20.51
N LEU D 57 28.10 -25.04 19.56
CA LEU D 57 27.82 -25.97 18.47
C LEU D 57 28.63 -25.57 17.25
N ASP D 58 29.52 -26.47 16.82
CA ASP D 58 30.34 -26.26 15.63
C ASP D 58 29.66 -27.04 14.51
N THR D 59 28.79 -26.35 13.77
CA THR D 59 27.98 -27.01 12.77
C THR D 59 28.82 -27.46 11.59
N ALA D 60 28.38 -28.54 10.97
CA ALA D 60 29.04 -29.10 9.81
C ALA D 60 28.05 -29.97 9.06
N GLY D 61 28.42 -30.33 7.83
CA GLY D 61 27.63 -31.24 7.03
C GLY D 61 26.81 -30.50 5.97
N GLN D 62 26.06 -31.28 5.22
CA GLN D 62 25.22 -30.79 4.15
C GLN D 62 23.97 -30.12 4.74
N GLU D 63 23.33 -29.28 3.93
CA GLU D 63 22.12 -28.64 4.39
C GLU D 63 21.05 -29.67 4.69
N GLU D 64 20.20 -29.35 5.66
CA GLU D 64 19.08 -30.22 5.99
C GLU D 64 18.02 -29.32 6.58
N TYR D 65 16.92 -29.13 5.85
CA TYR D 65 15.83 -28.28 6.28
C TYR D 65 14.64 -29.08 6.78
N SER D 66 14.96 -30.03 7.67
CA SER D 66 13.99 -30.86 8.34
C SER D 66 13.54 -30.18 9.64
N ALA D 67 12.44 -30.69 10.18
CA ALA D 67 11.95 -30.17 11.46
C ALA D 67 12.98 -30.43 12.56
N MET D 68 13.67 -31.57 12.51
CA MET D 68 14.60 -31.93 13.56
C MET D 68 15.81 -31.00 13.56
N ARG D 69 16.37 -30.71 12.37
CA ARG D 69 17.48 -29.78 12.30
C ARG D 69 17.02 -28.35 12.56
N ASP D 70 15.79 -28.00 12.17
CA ASP D 70 15.27 -26.68 12.49
C ASP D 70 15.23 -26.47 14.00
N GLN D 71 14.71 -27.47 14.73
CA GLN D 71 14.57 -27.33 16.17
C GLN D 71 15.93 -27.34 16.88
N TYR D 72 16.87 -28.14 16.38
CA TYR D 72 18.21 -28.15 16.97
C TYR D 72 18.80 -26.75 16.95
N MET D 73 18.79 -26.12 15.78
CA MET D 73 19.29 -24.75 15.64
C MET D 73 18.43 -23.76 16.40
N ARG D 74 17.14 -24.06 16.61
CA ARG D 74 16.27 -23.15 17.34
C ARG D 74 16.71 -22.96 18.78
N THR D 75 17.40 -23.96 19.35
CA THR D 75 17.84 -23.89 20.74
C THR D 75 19.03 -22.97 20.96
N GLY D 76 19.72 -22.58 19.90
CA GLY D 76 20.84 -21.67 20.06
C GLY D 76 20.37 -20.29 20.42
N GLU D 77 20.96 -19.73 21.49
CA GLU D 77 20.63 -18.37 21.90
C GLU D 77 21.41 -17.32 21.15
N GLY D 78 22.52 -17.70 20.53
CA GLY D 78 23.34 -16.74 19.79
C GLY D 78 24.07 -17.46 18.67
N PHE D 79 24.32 -16.71 17.59
CA PHE D 79 24.86 -17.29 16.38
C PHE D 79 26.08 -16.52 15.92
N LEU D 80 27.16 -17.25 15.67
CA LEU D 80 28.37 -16.69 15.10
C LEU D 80 28.33 -16.99 13.60
N CYS D 81 28.11 -15.96 12.79
CA CYS D 81 28.04 -16.10 11.34
C CYS D 81 29.42 -15.80 10.77
N VAL D 82 30.10 -16.85 10.31
CA VAL D 82 31.50 -16.78 9.94
C VAL D 82 31.63 -16.84 8.42
N PHE D 83 32.49 -15.98 7.89
CA PHE D 83 32.97 -16.07 6.51
C PHE D 83 34.48 -15.91 6.53
N ALA D 84 35.10 -16.24 5.40
CA ALA D 84 36.53 -16.09 5.23
C ALA D 84 36.81 -14.91 4.31
N ILE D 85 37.71 -14.02 4.73
CA ILE D 85 38.03 -12.83 3.97
C ILE D 85 38.66 -13.13 2.61
N ASN D 86 39.10 -14.37 2.40
CA ASN D 86 39.67 -14.77 1.12
C ASN D 86 38.68 -15.56 0.27
N ASN D 87 37.39 -15.49 0.59
CA ASN D 87 36.38 -16.24 -0.15
C ASN D 87 35.11 -15.40 -0.25
N THR D 88 34.85 -14.86 -1.45
CA THR D 88 33.68 -14.01 -1.66
C THR D 88 32.38 -14.80 -1.51
N LYS D 89 32.36 -16.05 -1.99
CA LYS D 89 31.12 -16.83 -1.89
C LYS D 89 30.71 -17.02 -0.43
N SER D 90 31.68 -17.26 0.45
CA SER D 90 31.38 -17.40 1.87
C SER D 90 30.76 -16.13 2.43
N PHE D 91 31.20 -14.97 1.94
CA PHE D 91 30.58 -13.70 2.36
C PHE D 91 29.18 -13.58 1.77
N GLU D 92 29.00 -14.02 0.53
CA GLU D 92 27.69 -13.95 -0.12
C GLU D 92 26.69 -14.91 0.53
N ASP D 93 27.18 -15.99 1.12
CA ASP D 93 26.29 -16.95 1.77
C ASP D 93 25.75 -16.44 3.10
N ILE D 94 26.35 -15.38 3.66
CA ILE D 94 25.97 -14.92 4.99
C ILE D 94 24.49 -14.56 5.02
N HIS D 95 23.99 -13.93 3.95
CA HIS D 95 22.58 -13.54 3.91
C HIS D 95 21.67 -14.74 4.08
N HIS D 96 21.99 -15.85 3.41
CA HIS D 96 21.18 -17.06 3.55
C HIS D 96 21.21 -17.59 4.97
N TYR D 97 22.40 -17.63 5.58
CA TYR D 97 22.51 -18.15 6.94
C TYR D 97 21.72 -17.30 7.93
N ARG D 98 21.77 -15.97 7.80
CA ARG D 98 20.97 -15.13 8.67
C ARG D 98 19.47 -15.32 8.41
N GLU D 99 19.08 -15.54 7.16
CA GLU D 99 17.67 -15.74 6.86
C GLU D 99 17.14 -17.01 7.50
N GLN D 100 17.95 -18.08 7.49
CA GLN D 100 17.50 -19.31 8.14
C GLN D 100 17.49 -19.16 9.66
N ILE D 101 18.41 -18.37 10.22
CA ILE D 101 18.35 -18.09 11.66
C ILE D 101 17.08 -17.33 12.01
N LYS D 102 16.72 -16.32 11.23
CA LYS D 102 15.49 -15.57 11.50
C LYS D 102 14.26 -16.48 11.43
N ARG D 103 14.26 -17.45 10.51
CA ARG D 103 13.10 -18.32 10.35
C ARG D 103 12.89 -19.19 11.58
N VAL D 104 13.94 -19.85 12.04
CA VAL D 104 13.77 -20.80 13.14
C VAL D 104 13.62 -20.07 14.47
N LYS D 105 14.19 -18.87 14.61
CA LYS D 105 14.04 -18.12 15.84
C LYS D 105 12.75 -17.32 15.89
N ASP D 106 11.97 -17.30 14.80
CA ASP D 106 10.67 -16.64 14.74
C ASP D 106 10.78 -15.20 15.23
N SER D 107 11.86 -14.54 14.78
CA SER D 107 12.23 -13.20 15.19
C SER D 107 13.28 -12.67 14.23
N GLU D 108 13.34 -11.35 14.09
CA GLU D 108 14.40 -10.73 13.31
C GLU D 108 15.47 -10.09 14.20
N ASP D 109 15.35 -10.22 15.51
CA ASP D 109 16.30 -9.62 16.46
C ASP D 109 16.89 -10.77 17.25
N VAL D 110 17.82 -11.47 16.62
CA VAL D 110 18.48 -12.65 17.18
C VAL D 110 19.91 -12.25 17.51
N PRO D 111 20.39 -12.52 18.72
CA PRO D 111 21.78 -12.19 19.03
C PRO D 111 22.75 -12.89 18.11
N MET D 112 23.48 -12.13 17.28
CA MET D 112 24.44 -12.75 16.38
C MET D 112 25.58 -11.77 16.13
N VAL D 113 26.72 -12.34 15.71
CA VAL D 113 27.93 -11.59 15.44
C VAL D 113 28.45 -12.03 14.07
N LEU D 114 28.84 -11.06 13.26
CA LEU D 114 29.48 -11.33 11.97
C LEU D 114 30.99 -11.45 12.19
N VAL D 115 31.56 -12.54 11.69
CA VAL D 115 32.97 -12.86 11.92
C VAL D 115 33.68 -13.02 10.58
N GLY D 116 34.69 -12.19 10.35
CA GLY D 116 35.56 -12.35 9.21
C GLY D 116 36.85 -13.06 9.57
N ASN D 117 36.92 -14.36 9.28
CA ASN D 117 38.03 -15.19 9.70
C ASN D 117 39.14 -15.21 8.66
N LYS D 118 40.30 -15.74 9.08
CA LYS D 118 41.51 -15.85 8.26
C LYS D 118 42.10 -14.48 7.97
N SER D 119 41.93 -13.55 8.91
CA SER D 119 42.46 -12.19 8.74
C SER D 119 43.97 -12.15 8.71
N ASP D 120 44.64 -13.25 9.03
CA ASP D 120 46.09 -13.35 8.88
C ASP D 120 46.50 -13.55 7.43
N LEU D 121 45.58 -13.95 6.56
CA LEU D 121 45.95 -14.19 5.17
C LEU D 121 46.01 -12.88 4.39
N PRO D 122 47.02 -12.70 3.54
CA PRO D 122 47.12 -11.47 2.73
C PRO D 122 46.17 -11.40 1.55
N SER D 123 45.78 -12.55 1.00
CA SER D 123 44.92 -12.63 -0.19
C SER D 123 43.46 -12.30 0.14
N ARG D 124 43.23 -11.04 0.45
CA ARG D 124 41.89 -10.58 0.77
C ARG D 124 41.05 -10.43 -0.50
N THR D 125 39.81 -10.93 -0.43
CA THR D 125 38.86 -10.76 -1.51
C THR D 125 37.60 -10.02 -1.07
N VAL D 126 37.30 -9.97 0.22
CA VAL D 126 36.17 -9.22 0.77
C VAL D 126 36.72 -8.03 1.56
N ASP D 127 36.25 -6.83 1.23
CA ASP D 127 36.74 -5.64 1.93
C ASP D 127 36.09 -5.53 3.30
N THR D 128 36.88 -5.02 4.25
CA THR D 128 36.39 -4.81 5.61
C THR D 128 35.25 -3.81 5.64
N LYS D 129 35.26 -2.82 4.73
CA LYS D 129 34.16 -1.86 4.65
C LYS D 129 32.87 -2.54 4.22
N GLN D 130 32.95 -3.49 3.29
CA GLN D 130 31.76 -4.25 2.90
C GLN D 130 31.17 -4.99 4.08
N ALA D 131 32.03 -5.60 4.91
CA ALA D 131 31.54 -6.35 6.06
C ALA D 131 31.01 -5.41 7.13
N GLN D 132 31.64 -4.25 7.30
CA GLN D 132 31.15 -3.28 8.27
C GLN D 132 29.78 -2.77 7.87
N ASP D 133 29.58 -2.53 6.57
CA ASP D 133 28.28 -2.10 6.07
C ASP D 133 27.24 -3.19 6.21
N LEU D 134 27.62 -4.44 5.96
CA LEU D 134 26.69 -5.54 6.13
C LEU D 134 26.28 -5.68 7.60
N ALA D 135 27.26 -5.57 8.50
CA ALA D 135 26.96 -5.65 9.93
C ALA D 135 26.09 -4.49 10.39
N ARG D 136 26.31 -3.30 9.84
CA ARG D 136 25.50 -2.15 10.24
C ARG D 136 24.04 -2.33 9.81
N SER D 137 23.82 -2.83 8.60
CA SER D 137 22.45 -3.05 8.13
C SER D 137 21.75 -4.12 8.94
N TYR D 138 22.49 -5.08 9.48
CA TYR D 138 21.91 -6.10 10.35
C TYR D 138 21.81 -5.63 11.79
N GLY D 139 22.54 -4.60 12.17
CA GLY D 139 22.57 -4.12 13.55
C GLY D 139 23.36 -5.00 14.48
N ILE D 140 24.41 -5.64 13.96
CA ILE D 140 25.18 -6.60 14.75
C ILE D 140 26.65 -6.15 14.69
N PRO D 141 27.44 -6.53 15.68
CA PRO D 141 28.88 -6.21 15.62
C PRO D 141 29.58 -7.09 14.61
N PHE D 142 30.65 -6.54 14.03
CA PHE D 142 31.50 -7.25 13.09
C PHE D 142 32.90 -7.33 13.69
N ILE D 143 33.43 -8.55 13.78
CA ILE D 143 34.73 -8.78 14.37
C ILE D 143 35.60 -9.51 13.35
N GLU D 144 36.83 -9.02 13.18
CA GLU D 144 37.82 -9.68 12.35
C GLU D 144 38.65 -10.64 13.19
N THR D 145 38.70 -11.90 12.77
CA THR D 145 39.37 -12.94 13.54
C THR D 145 40.37 -13.71 12.69
N SER D 146 41.30 -14.35 13.39
CA SER D 146 42.20 -15.35 12.80
C SER D 146 42.38 -16.45 13.84
N ALA D 147 41.82 -17.64 13.58
CA ALA D 147 42.04 -18.76 14.48
C ALA D 147 43.51 -19.18 14.53
N LYS D 148 44.31 -18.78 13.55
CA LYS D 148 45.73 -19.17 13.52
C LYS D 148 46.58 -18.27 14.43
N THR D 149 46.35 -16.96 14.39
CA THR D 149 47.05 -16.01 15.25
C THR D 149 46.28 -15.67 16.52
N ARG D 150 45.07 -16.22 16.70
N ARG D 150 45.09 -16.23 16.70
CA ARG D 150 44.20 -15.98 17.85
CA ARG D 150 44.19 -15.99 17.83
C ARG D 150 43.70 -14.54 17.90
C ARG D 150 43.65 -14.57 17.87
N GLN D 151 43.85 -13.79 16.82
CA GLN D 151 43.30 -12.44 16.72
C GLN D 151 41.78 -12.45 16.82
N GLY D 152 41.25 -11.69 17.78
CA GLY D 152 39.82 -11.47 17.86
C GLY D 152 38.99 -12.69 18.23
N VAL D 153 39.63 -13.83 18.49
CA VAL D 153 38.89 -15.07 18.74
C VAL D 153 38.08 -14.96 20.04
N ASP D 154 38.75 -14.64 21.16
CA ASP D 154 38.03 -14.46 22.41
C ASP D 154 36.99 -13.35 22.27
N ASP D 155 37.32 -12.31 21.51
CA ASP D 155 36.43 -11.17 21.35
C ASP D 155 35.15 -11.56 20.62
N ALA D 156 35.28 -12.38 19.57
CA ALA D 156 34.10 -12.78 18.80
C ALA D 156 33.13 -13.58 19.67
N PHE D 157 33.64 -14.53 20.45
CA PHE D 157 32.76 -15.34 21.27
C PHE D 157 32.23 -14.58 22.48
N TYR D 158 33.07 -13.73 23.11
CA TYR D 158 32.62 -12.99 24.28
C TYR D 158 31.61 -11.91 23.91
N THR D 159 31.78 -11.30 22.73
CA THR D 159 30.82 -10.31 22.27
C THR D 159 29.45 -10.93 22.00
N LEU D 160 29.43 -12.15 21.45
CA LEU D 160 28.16 -12.83 21.23
C LEU D 160 27.48 -13.12 22.56
N VAL D 161 28.26 -13.42 23.59
CA VAL D 161 27.67 -13.64 24.91
C VAL D 161 27.04 -12.36 25.42
N ARG D 162 27.73 -11.23 25.23
CA ARG D 162 27.20 -9.94 25.67
C ARG D 162 25.96 -9.55 24.85
N GLU D 163 25.93 -9.91 23.57
CA GLU D 163 24.73 -9.66 22.78
C GLU D 163 23.55 -10.45 23.29
N ILE D 164 23.80 -11.66 23.80
CA ILE D 164 22.74 -12.45 24.40
C ILE D 164 22.28 -11.82 25.71
N ARG D 165 23.21 -11.31 26.52
CA ARG D 165 22.81 -10.70 27.79
C ARG D 165 21.96 -9.45 27.57
N LYS D 166 22.37 -8.57 26.65
CA LYS D 166 21.54 -7.40 26.35
C LYS D 166 20.17 -7.82 25.83
N HIS D 167 20.13 -8.92 25.06
CA HIS D 167 18.87 -9.44 24.55
C HIS D 167 18.05 -10.10 25.64
N LYS D 168 18.70 -10.67 26.66
CA LYS D 168 18.03 -11.25 27.81
C LYS D 168 17.62 -10.21 28.86
N GLU D 169 17.49 -8.94 28.48
CA GLU D 169 17.10 -7.90 29.43
C GLU D 169 16.32 -6.79 28.76
N MET E 1 5.85 1.32 18.12
CA MET E 1 6.95 0.50 18.61
C MET E 1 8.16 1.34 19.01
N ASP E 2 8.69 2.10 18.07
CA ASP E 2 9.87 2.93 18.30
C ASP E 2 9.49 4.40 18.40
N VAL E 3 10.05 5.08 19.40
CA VAL E 3 9.90 6.53 19.56
C VAL E 3 11.25 7.18 19.33
N PHE E 4 11.24 8.32 18.64
CA PHE E 4 12.45 9.06 18.30
C PHE E 4 12.46 10.35 19.11
N LEU E 5 13.53 10.56 19.86
CA LEU E 5 13.57 11.60 20.87
C LEU E 5 14.80 12.48 20.65
N MET E 6 14.75 13.67 21.22
CA MET E 6 15.93 14.51 21.39
C MET E 6 15.96 14.98 22.84
N ILE E 7 16.87 14.40 23.62
CA ILE E 7 16.99 14.72 25.04
C ILE E 7 17.81 15.97 25.21
N ARG E 8 17.24 16.95 25.92
CA ARG E 8 17.74 18.32 25.92
C ARG E 8 18.07 18.75 27.34
N ARG E 9 19.24 19.39 27.49
CA ARG E 9 19.63 19.97 28.77
C ARG E 9 20.47 21.21 28.48
N HIS E 10 19.99 22.37 28.94
CA HIS E 10 20.68 23.64 28.73
C HIS E 10 20.91 23.86 27.24
N LYS E 11 22.16 23.72 26.79
CA LYS E 11 22.50 23.86 25.38
C LYS E 11 22.98 22.55 24.77
N THR E 12 22.62 21.41 25.37
CA THR E 12 22.99 20.09 24.85
C THR E 12 21.72 19.34 24.45
N THR E 13 21.73 18.79 23.24
CA THR E 13 20.62 18.01 22.71
C THR E 13 21.13 16.67 22.19
N ILE E 14 20.53 15.59 22.65
CA ILE E 14 20.94 14.23 22.27
C ILE E 14 19.84 13.63 21.41
N PHE E 15 20.13 13.43 20.12
CA PHE E 15 19.21 12.75 19.24
C PHE E 15 19.38 11.24 19.39
N THR E 16 18.35 10.57 19.90
CA THR E 16 18.39 9.13 20.11
C THR E 16 17.00 8.55 19.90
N ASP E 17 16.94 7.21 19.84
CA ASP E 17 15.67 6.51 19.72
C ASP E 17 15.59 5.43 20.79
N ALA E 18 14.36 5.07 21.13
CA ALA E 18 14.07 4.04 22.12
C ALA E 18 12.73 3.40 21.78
N LYS E 19 12.41 2.34 22.51
CA LYS E 19 11.16 1.60 22.36
C LYS E 19 10.11 2.09 23.33
N GLU E 20 8.84 2.04 22.88
CA GLU E 20 7.74 2.41 23.76
C GLU E 20 7.68 1.53 25.00
N SER E 21 8.16 0.29 24.90
CA SER E 21 8.16 -0.62 26.04
C SER E 21 9.29 -0.31 27.02
N SER E 22 10.26 0.48 26.60
CA SER E 22 11.38 0.82 27.47
C SER E 22 10.94 1.71 28.62
N THR E 23 11.58 1.54 29.77
CA THR E 23 11.27 2.32 30.95
C THR E 23 12.13 3.57 30.98
N VAL E 24 11.77 4.48 31.88
CA VAL E 24 12.55 5.71 32.04
C VAL E 24 13.96 5.38 32.51
N PHE E 25 14.10 4.36 33.37
CA PHE E 25 15.42 3.97 33.85
C PHE E 25 16.28 3.44 32.70
N GLU E 26 15.71 2.59 31.85
CA GLU E 26 16.47 2.08 30.70
C GLU E 26 16.89 3.22 29.79
N LEU E 27 16.08 4.28 29.71
CA LEU E 27 16.47 5.45 28.94
C LEU E 27 17.55 6.25 29.64
N LYS E 28 17.56 6.24 30.98
CA LYS E 28 18.61 6.93 31.72
C LYS E 28 19.98 6.29 31.52
N ARG E 29 20.03 4.98 31.32
CA ARG E 29 21.32 4.34 31.07
C ARG E 29 21.88 4.73 29.71
N ILE E 30 21.00 4.97 28.73
CA ILE E 30 21.46 5.41 27.41
C ILE E 30 22.20 6.72 27.51
N VAL E 31 21.65 7.68 28.25
CA VAL E 31 22.36 8.94 28.45
C VAL E 31 23.55 8.74 29.37
N GLU E 32 23.49 7.76 30.29
CA GLU E 32 24.65 7.50 31.15
C GLU E 32 25.86 7.11 30.32
N GLY E 33 25.67 6.20 29.36
CA GLY E 33 26.75 5.84 28.46
C GLY E 33 27.23 6.98 27.59
N ILE E 34 26.40 8.00 27.42
CA ILE E 34 26.72 9.15 26.59
C ILE E 34 27.28 10.31 27.42
N LEU E 35 26.55 10.73 28.45
CA LEU E 35 26.95 11.88 29.26
C LEU E 35 27.67 11.51 30.55
N LYS E 36 27.85 10.21 30.83
CA LYS E 36 28.68 9.75 31.95
C LYS E 36 28.19 10.24 33.32
N ARG E 37 26.87 10.17 33.53
CA ARG E 37 26.24 10.47 34.82
C ARG E 37 25.22 9.40 35.17
N PRO E 38 25.14 8.99 36.44
CA PRO E 38 24.32 7.83 36.82
C PRO E 38 22.84 8.13 36.76
N PRO E 39 21.99 7.08 36.68
CA PRO E 39 20.54 7.32 36.64
C PRO E 39 19.99 7.92 37.91
N ASP E 40 20.55 7.53 39.06
CA ASP E 40 20.14 8.09 40.35
C ASP E 40 20.53 9.57 40.50
N GLU E 41 21.23 10.09 39.50
CA GLU E 41 21.67 11.51 39.54
C GLU E 41 21.12 12.23 38.32
N GLN E 42 20.15 11.64 37.63
CA GLN E 42 19.56 12.29 36.44
C GLN E 42 18.06 12.50 36.64
N ARG E 43 17.51 13.61 36.14
CA ARG E 43 16.03 13.79 36.20
C ARG E 43 15.51 14.01 34.77
N LEU E 44 14.57 13.18 34.31
CA LEU E 44 13.99 13.31 32.99
C LEU E 44 12.57 13.85 33.11
N TYR E 45 12.20 14.75 32.20
CA TYR E 45 10.89 15.39 32.22
C TYR E 45 10.21 15.23 30.87
N LYS E 46 8.87 15.24 30.89
CA LYS E 46 8.04 15.40 29.70
C LYS E 46 7.10 16.59 29.86
N ASP E 47 7.43 17.72 29.24
CA ASP E 47 6.67 18.97 29.38
C ASP E 47 6.51 19.37 30.85
N ASP E 48 7.64 19.48 31.53
CA ASP E 48 7.75 19.84 32.95
C ASP E 48 6.97 18.89 33.86
N GLN E 49 6.72 17.66 33.42
CA GLN E 49 6.15 16.62 34.26
C GLN E 49 7.25 15.61 34.53
N LEU E 50 7.61 15.41 35.79
CA LEU E 50 8.73 14.49 36.13
C LEU E 50 8.34 13.07 35.79
N LEU E 51 9.23 12.37 35.08
CA LEU E 51 8.94 10.98 34.69
C LEU E 51 9.49 10.04 35.76
N ASP E 52 8.67 9.10 36.19
CA ASP E 52 9.11 8.15 37.24
C ASP E 52 9.72 6.91 36.60
N ASP E 53 10.97 6.60 36.92
CA ASP E 53 11.58 5.35 36.42
C ASP E 53 10.66 4.19 36.82
N GLY E 54 10.56 3.17 35.97
CA GLY E 54 9.67 2.05 36.26
C GLY E 54 8.46 2.10 35.37
N LYS E 55 8.12 3.28 34.91
CA LYS E 55 7.02 3.44 33.97
C LYS E 55 7.59 3.40 32.55
N THR E 56 6.85 2.80 31.63
CA THR E 56 7.33 2.77 30.26
C THR E 56 7.22 4.16 29.62
N LEU E 57 7.90 4.31 28.48
CA LEU E 57 7.85 5.56 27.74
C LEU E 57 6.46 5.84 27.22
N GLY E 58 5.72 4.80 26.83
CA GLY E 58 4.33 5.00 26.42
C GLY E 58 3.45 5.46 27.57
N GLU E 59 3.66 4.90 28.76
CA GLU E 59 2.86 5.30 29.91
C GLU E 59 3.17 6.73 30.35
N CYS E 60 4.33 7.26 29.97
CA CYS E 60 4.64 8.66 30.26
C CYS E 60 3.92 9.59 29.28
N GLY E 61 3.52 9.09 28.12
CA GLY E 61 2.83 9.91 27.15
C GLY E 61 3.44 9.93 25.76
N PHE E 62 4.53 9.17 25.58
CA PHE E 62 5.24 9.11 24.31
C PHE E 62 4.64 8.05 23.39
N THR E 63 4.26 8.47 22.18
CA THR E 63 3.77 7.57 21.16
C THR E 63 4.62 7.70 19.91
N SER E 64 4.52 6.68 19.04
CA SER E 64 5.27 6.71 17.78
C SER E 64 4.85 7.89 16.91
N GLN E 65 3.58 8.27 16.97
CA GLN E 65 3.10 9.37 16.16
C GLN E 65 3.63 10.71 16.66
N THR E 66 3.90 10.82 17.96
CA THR E 66 4.38 12.06 18.55
C THR E 66 5.89 12.16 18.54
N ALA E 67 6.57 11.04 18.28
CA ALA E 67 8.02 10.98 18.31
C ALA E 67 8.49 10.32 17.02
N ARG E 68 8.44 11.06 15.94
CA ARG E 68 8.84 10.60 14.62
C ARG E 68 10.27 11.02 14.30
N PRO E 69 10.95 10.26 13.45
CA PRO E 69 12.32 10.64 13.05
C PRO E 69 12.42 12.06 12.52
N GLN E 70 11.44 12.49 11.72
CA GLN E 70 11.47 13.83 11.15
C GLN E 70 11.01 14.92 12.10
N ALA E 71 10.39 14.56 13.22
CA ALA E 71 9.99 15.54 14.24
C ALA E 71 9.99 14.85 15.60
N PRO E 72 11.16 14.68 16.21
CA PRO E 72 11.25 13.92 17.46
C PRO E 72 10.61 14.64 18.63
N ALA E 73 10.19 13.85 19.62
CA ALA E 73 9.66 14.39 20.86
C ALA E 73 10.78 14.77 21.81
N THR E 74 10.57 15.85 22.55
CA THR E 74 11.58 16.38 23.45
C THR E 74 11.43 15.78 24.86
N VAL E 75 12.54 15.30 25.42
CA VAL E 75 12.60 14.82 26.79
C VAL E 75 13.61 15.69 27.53
N GLY E 76 13.14 16.45 28.51
CA GLY E 76 14.04 17.30 29.28
C GLY E 76 14.87 16.50 30.25
N LEU E 77 16.09 16.97 30.46
CA LEU E 77 17.05 16.31 31.33
C LEU E 77 17.59 17.31 32.35
N ALA E 78 17.63 16.90 33.61
CA ALA E 78 18.12 17.75 34.68
C ALA E 78 19.19 17.02 35.48
N PHE E 79 20.25 17.74 35.80
CA PHE E 79 21.35 17.20 36.61
C PHE E 79 21.35 17.83 37.99
N PHE E 85 19.59 18.54 43.07
CA PHE E 85 19.06 18.66 41.71
C PHE E 85 18.75 20.10 41.32
N GLU E 86 19.05 20.44 40.07
CA GLU E 86 18.80 21.75 39.49
C GLU E 86 17.44 21.80 38.80
N ALA E 87 16.94 23.01 38.63
CA ALA E 87 15.71 23.23 37.87
C ALA E 87 15.96 22.97 36.39
N LEU E 88 14.97 22.36 35.73
CA LEU E 88 15.08 22.06 34.31
C LEU E 88 15.32 23.34 33.51
N CYS E 89 16.36 23.32 32.68
CA CYS E 89 16.71 24.46 31.85
C CYS E 89 16.99 23.97 30.45
N ILE E 90 16.20 24.45 29.50
CA ILE E 90 16.38 24.14 28.09
C ILE E 90 16.50 25.47 27.38
N GLU E 91 17.71 25.84 27.00
CA GLU E 91 17.90 27.08 26.27
C GLU E 91 17.34 26.92 24.88
N PRO E 92 16.44 27.81 24.44
CA PRO E 92 15.78 27.61 23.14
C PRO E 92 16.75 27.81 21.99
N PHE E 93 16.42 27.16 20.87
CA PHE E 93 17.22 27.25 19.66
C PHE E 93 17.18 28.67 19.10
N SER E 94 17.91 28.91 18.01
CA SER E 94 17.91 30.22 17.38
C SER E 94 16.56 30.48 16.72
N SER E 95 16.38 31.70 16.24
CA SER E 95 15.13 32.08 15.61
C SER E 95 15.37 32.38 14.14
N PRO E 96 14.51 31.89 13.24
CA PRO E 96 14.69 32.20 11.82
C PRO E 96 14.36 33.66 11.55
N PRO E 97 14.96 34.25 10.52
CA PRO E 97 14.63 35.62 10.16
C PRO E 97 13.23 35.69 9.55
N GLU E 98 12.78 36.93 9.33
CA GLU E 98 11.45 37.18 8.79
C GLU E 98 11.27 36.50 7.43
N LEU E 99 10.05 36.00 7.20
CA LEU E 99 9.73 35.35 5.95
C LEU E 99 9.78 36.37 4.82
N PRO E 100 10.59 36.16 3.78
CA PRO E 100 10.62 37.13 2.66
C PRO E 100 9.25 37.30 2.02
N ASP E 101 9.04 38.50 1.46
CA ASP E 101 7.78 38.76 0.75
C ASP E 101 7.63 37.89 -0.48
N VAL E 102 8.75 37.55 -1.13
CA VAL E 102 8.75 36.64 -2.27
C VAL E 102 8.27 35.24 -1.88
N MET E 103 8.18 34.95 -0.59
CA MET E 103 7.73 33.65 -0.10
C MET E 103 6.30 33.70 0.45
N LYS E 104 5.56 34.76 0.16
CA LYS E 104 4.20 34.88 0.66
C LYS E 104 3.25 35.20 -0.51
N MET F 2 30.69 5.97 18.67
CA MET F 2 29.31 5.65 18.37
C MET F 2 28.50 6.94 18.21
N TYR F 3 28.91 7.99 18.92
CA TYR F 3 28.23 9.28 18.88
C TYR F 3 29.23 10.37 18.53
N VAL F 4 28.72 11.46 17.94
CA VAL F 4 29.50 12.63 17.56
C VAL F 4 28.76 13.88 18.00
N LYS F 5 29.52 14.95 18.28
CA LYS F 5 28.98 16.21 18.76
C LYS F 5 29.11 17.29 17.69
N LEU F 6 28.01 17.98 17.40
CA LEU F 6 27.98 19.08 16.43
C LEU F 6 27.58 20.37 17.12
N ILE F 7 28.40 21.41 16.92
CA ILE F 7 28.21 22.72 17.52
C ILE F 7 27.82 23.73 16.45
N SER F 8 26.73 24.46 16.69
CA SER F 8 26.20 25.47 15.79
C SER F 8 26.84 26.83 16.04
N SER F 9 26.38 27.82 15.26
CA SER F 9 26.81 29.21 15.38
C SER F 9 26.18 29.90 16.58
N ASP F 10 25.74 29.12 17.57
CA ASP F 10 25.27 29.70 18.83
C ASP F 10 25.63 28.83 20.02
N GLY F 11 26.52 27.87 19.85
CA GLY F 11 27.03 27.11 20.97
C GLY F 11 26.17 25.94 21.41
N HIS F 12 25.14 25.59 20.64
CA HIS F 12 24.36 24.41 20.95
C HIS F 12 25.10 23.14 20.58
N GLU F 13 25.01 22.14 21.45
CA GLU F 13 25.67 20.86 21.26
C GLU F 13 24.63 19.82 20.88
N PHE F 14 24.79 19.21 19.72
CA PHE F 14 23.88 18.17 19.24
C PHE F 14 24.65 16.87 19.14
N ILE F 15 24.28 15.91 19.98
CA ILE F 15 24.92 14.59 20.01
C ILE F 15 24.03 13.64 19.21
N VAL F 16 24.53 13.18 18.08
CA VAL F 16 23.82 12.29 17.17
C VAL F 16 24.73 11.10 16.88
N LYS F 17 24.13 9.96 16.55
CA LYS F 17 24.96 8.83 16.18
C LYS F 17 25.82 9.12 14.96
N ARG F 18 27.05 8.63 15.00
CA ARG F 18 28.03 8.91 13.95
C ARG F 18 27.56 8.41 12.60
N GLU F 19 27.03 7.19 12.53
CA GLU F 19 26.51 6.70 11.26
C GLU F 19 25.42 7.63 10.72
N HIS F 20 24.63 8.23 11.60
CA HIS F 20 23.63 9.19 11.12
C HIS F 20 24.29 10.46 10.60
N ALA F 21 25.33 10.94 11.29
CA ALA F 21 26.00 12.16 10.85
C ALA F 21 26.75 11.97 9.53
N LEU F 22 27.16 10.74 9.23
CA LEU F 22 27.86 10.46 7.99
C LEU F 22 26.99 10.72 6.76
N THR F 23 25.67 10.90 6.96
CA THR F 23 24.79 11.28 5.86
C THR F 23 25.30 12.52 5.14
N SER F 24 25.92 13.44 5.88
CA SER F 24 26.54 14.60 5.25
C SER F 24 27.87 14.20 4.61
N GLY F 25 28.06 14.61 3.36
CA GLY F 25 29.32 14.31 2.68
C GLY F 25 30.49 15.10 3.25
N THR F 26 30.25 16.37 3.59
CA THR F 26 31.33 17.19 4.15
C THR F 26 31.64 16.82 5.59
N ILE F 27 30.63 16.38 6.35
CA ILE F 27 30.93 15.85 7.68
C ILE F 27 31.75 14.58 7.55
N LYS F 28 31.50 13.78 6.52
CA LYS F 28 32.32 12.60 6.28
C LYS F 28 33.76 13.00 6.01
N ALA F 29 33.98 14.10 5.29
CA ALA F 29 35.34 14.54 4.99
C ALA F 29 36.06 15.00 6.25
N MET F 30 35.38 15.79 7.09
CA MET F 30 35.93 16.22 8.36
C MET F 30 36.00 15.09 9.38
N LEU F 31 35.42 13.93 9.07
CA LEU F 31 35.31 12.81 10.02
C LEU F 31 34.66 13.24 11.32
N ASN F 43 34.00 12.04 18.32
CA ASN F 43 34.66 13.28 17.94
C ASN F 43 33.72 14.48 18.05
N GLU F 44 34.20 15.64 17.60
CA GLU F 44 33.44 16.87 17.63
C GLU F 44 33.64 17.66 16.34
N VAL F 45 32.57 18.30 15.85
CA VAL F 45 32.66 19.15 14.67
C VAL F 45 31.90 20.45 14.94
N ASN F 46 32.54 21.58 14.70
CA ASN F 46 31.99 22.90 14.93
C ASN F 46 31.66 23.58 13.60
N PHE F 47 30.48 24.20 13.55
CA PHE F 47 29.98 24.89 12.36
C PHE F 47 29.80 26.36 12.68
N ARG F 48 30.56 27.22 12.01
CA ARG F 48 30.54 28.64 12.31
C ARG F 48 29.44 29.43 11.60
N GLU F 49 28.71 28.84 10.65
CA GLU F 49 27.71 29.62 9.91
C GLU F 49 26.30 29.03 9.88
N ILE F 50 25.99 28.00 10.66
CA ILE F 50 24.63 27.46 10.70
C ILE F 50 24.12 27.53 12.13
N PRO F 51 23.02 28.22 12.39
CA PRO F 51 22.51 28.34 13.78
C PRO F 51 21.90 27.06 14.32
N SER F 52 21.35 27.14 15.53
CA SER F 52 20.84 25.95 16.21
C SER F 52 19.51 25.48 15.62
N HIS F 53 18.63 26.42 15.26
CA HIS F 53 17.35 26.04 14.68
C HIS F 53 17.51 25.40 13.30
N VAL F 54 18.63 25.63 12.63
CA VAL F 54 18.93 24.95 11.38
C VAL F 54 19.62 23.62 11.61
N LEU F 55 20.65 23.61 12.46
CA LEU F 55 21.41 22.40 12.74
C LEU F 55 20.57 21.33 13.43
N SER F 56 19.59 21.74 14.22
CA SER F 56 18.66 20.80 14.82
C SER F 56 17.82 20.10 13.77
N LYS F 57 17.32 20.86 12.79
CA LYS F 57 16.57 20.25 11.68
C LYS F 57 17.45 19.31 10.88
N VAL F 58 18.71 19.68 10.69
CA VAL F 58 19.64 18.82 9.95
C VAL F 58 19.78 17.47 10.65
N CYS F 59 19.89 17.48 11.98
CA CYS F 59 19.99 16.24 12.72
C CYS F 59 18.70 15.43 12.62
N MET F 60 17.55 16.10 12.61
CA MET F 60 16.29 15.39 12.43
C MET F 60 16.23 14.71 11.06
N TYR F 61 16.80 15.36 10.04
CA TYR F 61 16.87 14.71 8.73
C TYR F 61 17.75 13.47 8.77
N PHE F 62 18.85 13.53 9.52
CA PHE F 62 19.76 12.39 9.61
C PHE F 62 19.02 11.15 10.11
N THR F 63 18.34 11.26 11.26
CA THR F 63 17.55 10.14 11.75
C THR F 63 16.43 9.78 10.80
N TYR F 64 15.86 10.77 10.11
CA TYR F 64 14.83 10.51 9.10
C TYR F 64 15.38 9.68 7.95
N LYS F 65 16.56 10.05 7.43
CA LYS F 65 17.18 9.33 6.33
C LYS F 65 17.51 7.89 6.72
N VAL F 66 18.21 7.71 7.84
CA VAL F 66 18.60 6.37 8.26
C VAL F 66 17.38 5.49 8.54
N ARG F 67 16.28 6.10 9.00
CA ARG F 67 15.10 5.32 9.33
C ARG F 67 14.37 4.80 8.09
N TYR F 68 14.26 5.62 7.04
CA TYR F 68 13.36 5.32 5.93
C TYR F 68 14.08 4.93 4.63
N THR F 69 15.41 4.93 4.60
CA THR F 69 16.13 4.49 3.42
C THR F 69 16.14 2.96 3.35
N ASN F 70 15.80 2.42 2.18
CA ASN F 70 15.74 0.98 1.95
C ASN F 70 14.86 0.27 2.97
N SER F 71 13.84 0.99 3.46
CA SER F 71 12.87 0.46 4.40
C SER F 71 11.59 0.04 3.68
N SER F 72 10.96 -1.02 4.19
CA SER F 72 9.67 -1.47 3.69
C SER F 72 8.51 -0.65 4.23
N THR F 73 8.79 0.28 5.15
CA THR F 73 7.72 1.14 5.64
C THR F 73 7.50 2.28 4.65
N GLU F 74 6.25 2.71 4.53
CA GLU F 74 5.93 3.82 3.65
C GLU F 74 6.63 5.08 4.17
N ILE F 75 7.08 5.92 3.25
CA ILE F 75 7.95 7.04 3.60
C ILE F 75 7.08 8.28 3.78
N PRO F 76 7.12 8.94 4.93
CA PRO F 76 6.40 10.20 5.10
C PRO F 76 7.18 11.37 4.52
N GLU F 77 6.45 12.47 4.31
CA GLU F 77 7.06 13.68 3.79
C GLU F 77 7.91 14.34 4.86
N PHE F 78 9.13 14.73 4.50
CA PHE F 78 9.97 15.47 5.42
C PHE F 78 9.47 16.90 5.53
N PRO F 79 9.01 17.34 6.69
CA PRO F 79 8.46 18.69 6.80
C PRO F 79 9.56 19.74 6.90
N ILE F 80 9.30 20.90 6.30
CA ILE F 80 10.22 22.03 6.30
C ILE F 80 9.38 23.29 6.43
N ALA F 81 9.49 23.98 7.56
CA ALA F 81 8.75 25.22 7.73
C ALA F 81 9.31 26.29 6.81
N PRO F 82 8.47 27.10 6.18
CA PRO F 82 8.98 28.12 5.25
C PRO F 82 9.98 29.07 5.87
N GLU F 83 9.90 29.31 7.18
CA GLU F 83 10.81 30.27 7.82
C GLU F 83 12.23 29.74 7.87
N ILE F 84 12.42 28.42 7.88
CA ILE F 84 13.74 27.81 7.95
C ILE F 84 14.18 27.23 6.61
N ALA F 85 13.39 27.42 5.55
CA ALA F 85 13.67 26.73 4.28
C ALA F 85 14.99 27.18 3.67
N LEU F 86 15.20 28.50 3.58
CA LEU F 86 16.37 29.03 2.89
C LEU F 86 17.65 28.72 3.66
N GLU F 87 17.61 28.90 4.98
CA GLU F 87 18.77 28.60 5.81
C GLU F 87 19.11 27.13 5.75
N LEU F 88 18.08 26.28 5.73
CA LEU F 88 18.31 24.84 5.60
C LEU F 88 18.85 24.51 4.22
N LEU F 89 18.38 25.21 3.18
CA LEU F 89 18.94 25.01 1.85
C LEU F 89 20.41 25.34 1.81
N MET F 90 20.78 26.48 2.39
CA MET F 90 22.19 26.87 2.46
C MET F 90 22.98 25.85 3.27
N ALA F 91 22.43 25.43 4.41
CA ALA F 91 23.08 24.39 5.21
C ALA F 91 23.25 23.11 4.39
N ALA F 92 22.15 22.58 3.85
CA ALA F 92 22.19 21.29 3.18
C ALA F 92 23.18 21.29 2.02
N ASN F 93 23.24 22.38 1.26
CA ASN F 93 24.24 22.47 0.20
C ASN F 93 25.66 22.46 0.77
N PHE F 94 25.85 23.07 1.93
CA PHE F 94 27.19 23.10 2.53
C PHE F 94 27.55 21.75 3.13
N LEU F 95 26.58 21.07 3.74
CA LEU F 95 26.84 19.78 4.39
C LEU F 95 26.84 18.61 3.42
N ASP F 96 26.29 18.78 2.22
CA ASP F 96 26.18 17.71 1.22
C ASP F 96 25.48 16.49 1.81
N CYS F 97 24.18 16.66 2.03
CA CYS F 97 23.38 15.59 2.60
C CYS F 97 22.03 15.42 1.91
N PRO G 10 17.80 2.61 -27.69
CA PRO G 10 17.83 3.03 -26.28
C PRO G 10 17.74 1.86 -25.31
N VAL G 11 18.57 1.89 -24.26
CA VAL G 11 18.56 0.81 -23.27
C VAL G 11 17.29 0.86 -22.43
N LEU G 12 16.89 2.05 -22.01
CA LEU G 12 15.70 2.23 -21.19
C LEU G 12 14.50 2.33 -22.14
N ARG G 13 13.86 1.19 -22.38
CA ARG G 13 12.70 1.12 -23.26
C ARG G 13 11.88 -0.10 -22.88
N SER G 14 10.65 -0.15 -23.42
CA SER G 14 9.80 -1.32 -23.24
C SER G 14 10.09 -2.35 -24.32
N VAL G 15 9.97 -3.62 -23.95
CA VAL G 15 10.03 -4.73 -24.90
C VAL G 15 8.62 -5.02 -25.37
N ASN G 16 8.44 -5.10 -26.68
CA ASN G 16 7.13 -5.39 -27.28
C ASN G 16 6.85 -6.88 -27.20
N SER G 17 6.52 -7.32 -25.98
CA SER G 17 6.32 -8.73 -25.69
C SER G 17 4.93 -9.18 -26.09
N ARG G 18 3.96 -8.27 -26.12
CA ARG G 18 2.57 -8.59 -26.41
C ARG G 18 2.00 -9.63 -25.44
N GLU G 19 2.57 -9.72 -24.24
CA GLU G 19 2.10 -10.66 -23.22
C GLU G 19 1.36 -9.91 -22.13
N PRO G 20 0.04 -10.03 -22.06
CA PRO G 20 -0.74 -9.19 -21.12
C PRO G 20 -0.34 -9.42 -19.68
N SER G 21 -0.45 -8.35 -18.89
CA SER G 21 -0.11 -8.41 -17.48
C SER G 21 -0.99 -7.40 -16.75
N GLN G 22 -1.80 -7.87 -15.80
CA GLN G 22 -2.60 -6.95 -14.99
C GLN G 22 -1.73 -6.39 -13.87
N VAL G 23 -1.76 -5.07 -13.73
CA VAL G 23 -0.92 -4.36 -12.79
C VAL G 23 -1.80 -3.45 -11.95
N ILE G 24 -1.47 -3.35 -10.67
CA ILE G 24 -2.19 -2.49 -9.74
C ILE G 24 -1.29 -1.31 -9.40
N PHE G 25 -1.68 -0.12 -9.83
CA PHE G 25 -1.02 1.11 -9.42
C PHE G 25 -1.61 1.58 -8.09
N CYS G 26 -0.75 1.79 -7.09
CA CYS G 26 -1.19 2.24 -5.77
C CYS G 26 -0.36 3.45 -5.35
N ASN G 27 -1.00 4.60 -5.24
CA ASN G 27 -0.30 5.83 -4.87
C ASN G 27 -0.31 5.94 -3.34
N ARG G 28 0.73 5.39 -2.71
CA ARG G 28 0.92 5.54 -1.27
C ARG G 28 1.79 6.73 -0.92
N SER G 29 1.73 7.80 -1.70
CA SER G 29 2.52 8.99 -1.48
C SER G 29 1.59 10.18 -1.30
N PRO G 30 2.04 11.24 -0.64
CA PRO G 30 1.21 12.45 -0.51
C PRO G 30 1.16 13.30 -1.78
N ARG G 31 1.79 12.84 -2.86
CA ARG G 31 1.83 13.60 -4.10
C ARG G 31 0.81 13.06 -5.10
N VAL G 32 0.50 13.88 -6.09
CA VAL G 32 -0.29 13.43 -7.24
C VAL G 32 0.68 12.73 -8.18
N VAL G 33 0.44 11.45 -8.43
CA VAL G 33 1.40 10.62 -9.16
C VAL G 33 1.11 10.67 -10.65
N LEU G 34 2.16 10.89 -11.44
CA LEU G 34 2.12 10.78 -12.90
C LEU G 34 2.78 9.49 -13.34
N PRO G 35 2.03 8.46 -13.73
CA PRO G 35 2.65 7.28 -14.32
C PRO G 35 3.22 7.63 -15.69
N VAL G 36 4.49 7.27 -15.91
CA VAL G 36 5.17 7.53 -17.17
C VAL G 36 5.61 6.19 -17.74
N TRP G 37 5.19 5.90 -18.97
CA TRP G 37 5.52 4.66 -19.66
C TRP G 37 6.54 4.95 -20.75
N LEU G 38 7.65 4.23 -20.73
CA LEU G 38 8.65 4.33 -21.78
C LEU G 38 8.22 3.42 -22.92
N ASN G 39 7.88 4.01 -24.07
CA ASN G 39 7.35 3.23 -25.18
C ASN G 39 8.46 2.37 -25.78
N PHE G 40 8.14 1.66 -26.86
CA PHE G 40 9.09 0.73 -27.45
C PHE G 40 10.26 1.43 -28.14
N ASP G 41 10.24 2.76 -28.23
CA ASP G 41 11.35 3.55 -28.72
C ASP G 41 12.07 4.29 -27.59
N GLY G 42 11.68 4.03 -26.35
CA GLY G 42 12.27 4.66 -25.19
C GLY G 42 11.74 6.04 -24.87
N GLU G 43 10.70 6.49 -25.55
CA GLU G 43 10.20 7.83 -25.27
C GLU G 43 9.20 7.80 -24.13
N PRO G 44 9.23 8.77 -23.23
CA PRO G 44 8.25 8.80 -22.14
C PRO G 44 6.86 9.14 -22.65
N GLN G 45 5.88 8.39 -22.16
CA GLN G 45 4.47 8.60 -22.50
C GLN G 45 3.68 8.79 -21.22
N PRO G 46 3.17 9.99 -20.93
CA PRO G 46 2.40 10.18 -19.70
C PRO G 46 1.07 9.46 -19.76
N TYR G 47 0.65 8.95 -18.61
CA TYR G 47 -0.63 8.25 -18.48
C TYR G 47 -1.46 8.99 -17.43
N PRO G 48 -2.75 8.66 -17.27
CA PRO G 48 -3.58 9.43 -16.34
C PRO G 48 -3.03 9.42 -14.93
N THR G 49 -3.17 10.56 -14.27
CA THR G 49 -2.58 10.78 -12.95
C THR G 49 -3.41 10.09 -11.87
N LEU G 50 -2.78 9.91 -10.70
CA LEU G 50 -3.39 9.27 -9.55
C LEU G 50 -3.35 10.20 -8.35
N PRO G 51 -4.50 10.61 -7.79
CA PRO G 51 -4.48 11.39 -6.55
C PRO G 51 -3.89 10.59 -5.39
N PRO G 52 -3.46 11.25 -4.33
CA PRO G 52 -2.90 10.51 -3.18
C PRO G 52 -3.94 9.59 -2.55
N GLY G 53 -3.46 8.44 -2.08
CA GLY G 53 -4.33 7.46 -1.46
C GLY G 53 -5.23 6.73 -2.43
N THR G 54 -4.95 6.82 -3.72
CA THR G 54 -5.78 6.25 -4.78
C THR G 54 -5.04 5.12 -5.49
N GLY G 55 -5.79 4.07 -5.86
CA GLY G 55 -5.29 3.01 -6.68
C GLY G 55 -5.99 2.94 -8.04
N ARG G 56 -5.42 2.13 -8.93
CA ARG G 56 -6.02 1.86 -10.24
C ARG G 56 -5.39 0.61 -10.81
N ARG G 57 -6.24 -0.38 -11.13
CA ARG G 57 -5.81 -1.61 -11.80
C ARG G 57 -5.78 -1.38 -13.30
N ILE G 58 -4.56 -1.36 -13.85
CA ILE G 58 -4.31 -1.08 -15.26
C ILE G 58 -3.86 -2.35 -15.96
N HIS G 59 -3.94 -2.32 -17.28
CA HIS G 59 -3.58 -3.47 -18.10
C HIS G 59 -2.29 -3.13 -18.83
N SER G 60 -1.21 -3.81 -18.46
CA SER G 60 0.10 -3.58 -19.07
C SER G 60 0.60 -4.90 -19.66
N TYR G 61 1.88 -4.95 -19.99
CA TYR G 61 2.46 -6.11 -20.65
C TYR G 61 3.83 -6.41 -20.09
N ARG G 62 4.26 -7.65 -20.30
CA ARG G 62 5.54 -8.11 -19.79
C ARG G 62 6.65 -7.30 -20.43
N GLY G 63 7.64 -6.92 -19.62
CA GLY G 63 8.77 -6.19 -20.15
C GLY G 63 8.52 -4.73 -20.44
N HIS G 64 7.39 -4.19 -20.01
CA HIS G 64 7.12 -2.77 -20.18
C HIS G 64 7.74 -2.00 -19.03
N LEU G 65 8.34 -0.86 -19.37
CA LEU G 65 9.13 -0.07 -18.43
C LEU G 65 8.33 1.14 -17.95
N TRP G 66 8.26 1.31 -16.64
CA TRP G 66 7.48 2.37 -16.01
C TRP G 66 8.33 3.15 -15.02
N LEU G 67 8.06 4.46 -14.95
CA LEU G 67 8.52 5.29 -13.85
C LEU G 67 7.39 6.21 -13.43
N PHE G 68 7.53 6.80 -12.24
CA PHE G 68 6.46 7.56 -11.63
C PHE G 68 6.99 8.87 -11.06
N ARG G 69 6.26 9.94 -11.32
CA ARG G 69 6.74 11.28 -11.02
C ARG G 69 5.60 12.10 -10.42
N ASP G 70 5.98 13.16 -9.72
CA ASP G 70 5.01 14.13 -9.21
C ASP G 70 4.37 14.86 -10.38
N ALA G 71 3.04 14.81 -10.47
CA ALA G 71 2.35 15.33 -11.64
C ALA G 71 2.55 16.83 -11.80
N GLY G 72 2.76 17.56 -10.71
CA GLY G 72 2.90 19.01 -10.80
C GLY G 72 4.32 19.49 -10.94
N THR G 73 5.26 18.84 -10.24
CA THR G 73 6.65 19.30 -10.18
C THR G 73 7.64 18.35 -10.83
N HIS G 74 7.19 17.17 -11.28
CA HIS G 74 8.05 16.12 -11.83
C HIS G 74 9.09 15.61 -10.85
N ASP G 75 8.86 15.80 -9.56
CA ASP G 75 9.73 15.23 -8.54
C ASP G 75 9.73 13.71 -8.66
N GLY G 76 10.90 13.10 -8.46
CA GLY G 76 11.02 11.67 -8.59
C GLY G 76 10.29 10.92 -7.49
N LEU G 77 9.82 9.71 -7.83
CA LEU G 77 9.15 8.84 -6.87
C LEU G 77 9.70 7.43 -7.02
N LEU G 78 9.39 6.59 -6.03
CA LEU G 78 9.82 5.21 -6.02
C LEU G 78 8.63 4.29 -6.23
N VAL G 79 8.88 3.17 -6.90
CA VAL G 79 7.89 2.10 -7.07
C VAL G 79 8.53 0.80 -6.62
N ASN G 80 7.93 0.15 -5.63
CA ASN G 80 8.47 -1.07 -5.02
C ASN G 80 9.92 -0.88 -4.61
N GLN G 81 10.18 0.23 -3.93
CA GLN G 81 11.46 0.62 -3.35
C GLN G 81 12.54 0.94 -4.38
N THR G 82 12.21 1.01 -5.67
CA THR G 82 13.20 1.30 -6.69
C THR G 82 12.64 2.34 -7.66
N GLU G 83 13.49 2.74 -8.60
CA GLU G 83 13.18 3.85 -9.49
C GLU G 83 12.37 3.43 -10.69
N LEU G 84 12.52 2.19 -11.15
CA LEU G 84 11.84 1.71 -12.33
C LEU G 84 10.99 0.49 -12.00
N PHE G 85 9.97 0.28 -12.80
CA PHE G 85 9.05 -0.84 -12.63
C PHE G 85 8.89 -1.61 -13.93
N VAL G 86 9.21 -2.90 -13.89
CA VAL G 86 8.98 -3.83 -14.99
C VAL G 86 8.19 -4.98 -14.36
N PRO G 87 6.99 -5.29 -14.84
CA PRO G 87 6.21 -6.36 -14.22
C PRO G 87 6.97 -7.68 -14.23
N SER G 88 6.86 -8.42 -13.15
CA SER G 88 7.46 -9.74 -13.09
C SER G 88 6.51 -10.73 -13.78
N LEU G 89 6.79 -12.01 -13.69
CA LEU G 89 5.96 -12.94 -14.43
C LEU G 89 4.57 -13.02 -13.81
N ASN G 90 3.55 -12.80 -14.65
CA ASN G 90 2.17 -12.97 -14.19
C ASN G 90 1.92 -14.45 -14.02
N VAL G 91 1.88 -14.90 -12.76
CA VAL G 91 1.66 -16.30 -12.43
C VAL G 91 0.17 -16.53 -12.27
N ASP G 92 -0.40 -17.35 -13.16
CA ASP G 92 -1.81 -17.73 -13.12
C ASP G 92 -2.73 -16.51 -13.18
N GLY G 93 -2.35 -15.51 -13.98
CA GLY G 93 -3.21 -14.35 -14.14
C GLY G 93 -3.31 -13.45 -12.93
N GLN G 94 -2.41 -13.60 -11.95
CA GLN G 94 -2.47 -12.77 -10.76
C GLN G 94 -2.00 -11.36 -11.08
N PRO G 95 -2.56 -10.35 -10.42
CA PRO G 95 -2.10 -8.98 -10.68
C PRO G 95 -0.73 -8.73 -10.06
N ILE G 96 0.07 -7.94 -10.76
CA ILE G 96 1.37 -7.50 -10.25
C ILE G 96 1.19 -6.16 -9.56
N PHE G 97 1.64 -6.07 -8.31
CA PHE G 97 1.43 -4.86 -7.52
C PHE G 97 2.58 -3.88 -7.71
N ALA G 98 2.23 -2.60 -7.81
CA ALA G 98 3.20 -1.51 -7.93
C ALA G 98 2.88 -0.48 -6.86
N ASN G 99 3.65 -0.49 -5.78
CA ASN G 99 3.45 0.39 -4.63
C ASN G 99 4.29 1.65 -4.82
N ILE G 100 3.61 2.79 -5.00
CA ILE G 100 4.25 4.06 -5.30
C ILE G 100 4.37 4.86 -4.02
N THR G 101 5.60 5.21 -3.64
CA THR G 101 5.88 5.96 -2.42
C THR G 101 6.80 7.12 -2.74
N LEU G 102 6.97 8.01 -1.77
CA LEU G 102 8.05 8.97 -1.84
C LEU G 102 9.40 8.25 -1.71
N PRO G 103 10.42 8.77 -2.35
CA PRO G 103 11.80 8.37 -2.01
C PRO G 103 12.26 9.16 -0.78
N VAL G 104 13.50 8.88 -0.36
CA VAL G 104 14.18 9.71 0.62
C VAL G 104 15.02 10.72 -0.15
N TYR G 105 14.43 11.88 -0.42
CA TYR G 105 15.16 12.95 -1.08
C TYR G 105 16.33 13.40 -0.22
N THR G 106 17.39 13.87 -0.88
CA THR G 106 18.42 14.58 -0.14
C THR G 106 17.82 15.82 0.49
N LEU G 107 18.35 16.20 1.66
CA LEU G 107 17.88 17.41 2.31
C LEU G 107 18.03 18.62 1.39
N LYS G 108 19.09 18.64 0.59
CA LYS G 108 19.28 19.74 -0.36
C LYS G 108 18.17 19.74 -1.40
N GLU G 109 17.80 18.57 -1.92
CA GLU G 109 16.76 18.52 -2.95
C GLU G 109 15.38 18.82 -2.36
N ARG G 110 15.11 18.32 -1.15
CA ARG G 110 13.84 18.61 -0.50
C ARG G 110 13.71 20.09 -0.20
N CYS G 111 14.79 20.75 0.22
CA CYS G 111 14.76 22.19 0.42
C CYS G 111 14.45 22.92 -0.88
N LEU G 112 15.08 22.48 -1.97
CA LEU G 112 14.79 23.05 -3.29
C LEU G 112 13.33 22.90 -3.67
N GLN G 113 12.73 21.74 -3.36
CA GLN G 113 11.33 21.52 -3.71
C GLN G 113 10.42 22.53 -3.02
N VAL G 114 10.63 22.78 -1.73
CA VAL G 114 9.71 23.65 -1.00
C VAL G 114 9.93 25.10 -1.41
N VAL G 115 11.17 25.48 -1.76
CA VAL G 115 11.42 26.85 -2.20
C VAL G 115 10.81 27.09 -3.57
N ARG G 116 10.93 26.11 -4.47
CA ARG G 116 10.30 26.23 -5.77
C ARG G 116 8.78 26.36 -5.63
N SER G 117 8.21 25.73 -4.60
CA SER G 117 6.76 25.78 -4.37
C SER G 117 6.33 27.06 -3.66
N LEU G 118 7.26 27.77 -3.04
CA LEU G 118 6.93 29.00 -2.31
C LEU G 118 7.27 30.25 -3.09
N VAL G 119 8.41 30.24 -3.77
CA VAL G 119 8.87 31.41 -4.52
C VAL G 119 8.47 31.23 -5.97
N LYS G 120 8.28 32.34 -6.65
CA LYS G 120 8.01 32.36 -8.09
C LYS G 120 9.30 32.49 -8.89
N PRO G 121 9.37 31.83 -10.05
CA PRO G 121 10.62 31.86 -10.84
C PRO G 121 11.07 33.28 -11.19
N GLU G 122 10.14 34.21 -11.34
CA GLU G 122 10.55 35.60 -11.60
C GLU G 122 11.33 36.17 -10.41
N ASN G 123 10.94 35.79 -9.20
CA ASN G 123 11.56 36.29 -7.99
C ASN G 123 12.67 35.37 -7.50
N TYR G 124 13.08 34.40 -8.33
CA TYR G 124 14.11 33.45 -7.92
C TYR G 124 15.42 34.15 -7.58
N ARG G 125 15.86 35.07 -8.44
CA ARG G 125 17.16 35.68 -8.19
C ARG G 125 17.10 36.73 -7.09
N ARG G 126 15.89 37.12 -6.67
CA ARG G 126 15.73 38.08 -5.57
C ARG G 126 15.60 37.32 -4.25
N LEU G 127 16.67 36.62 -3.90
CA LEU G 127 16.77 35.85 -2.67
C LEU G 127 18.20 35.94 -2.19
N ASP G 128 18.41 35.60 -0.92
CA ASP G 128 19.75 35.57 -0.35
C ASP G 128 20.46 34.30 -0.81
N ILE G 129 20.59 34.15 -2.11
CA ILE G 129 21.12 32.93 -2.68
C ILE G 129 22.59 33.13 -3.00
N VAL G 130 23.34 32.03 -2.91
CA VAL G 130 24.76 32.00 -3.23
C VAL G 130 24.98 31.73 -4.71
N ARG G 131 24.10 32.27 -5.56
CA ARG G 131 24.17 32.12 -7.00
C ARG G 131 24.17 30.66 -7.45
N SER G 132 25.06 29.85 -6.87
CA SER G 132 25.03 28.41 -7.14
C SER G 132 23.67 27.83 -6.81
N LEU G 133 23.06 28.28 -5.72
CA LEU G 133 21.74 27.79 -5.35
C LEU G 133 20.67 28.36 -6.28
N TYR G 134 20.91 29.55 -6.83
CA TYR G 134 19.99 30.08 -7.83
C TYR G 134 20.00 29.21 -9.08
N GLU G 135 21.16 28.66 -9.43
CA GLU G 135 21.21 27.76 -10.57
C GLU G 135 20.55 26.42 -10.25
N ASP G 136 20.75 25.92 -9.04
CA ASP G 136 20.15 24.64 -8.65
C ASP G 136 18.64 24.77 -8.51
N LEU G 137 18.16 25.90 -8.03
CA LEU G 137 16.72 26.12 -7.94
C LEU G 137 16.09 26.16 -9.33
N GLU G 138 16.82 26.72 -10.30
CA GLU G 138 16.35 26.77 -11.68
C GLU G 138 16.52 25.43 -12.39
N ASP G 139 17.34 24.52 -11.84
CA ASP G 139 17.53 23.19 -12.41
C ASP G 139 16.36 22.30 -11.97
N HIS G 140 15.18 22.62 -12.53
CA HIS G 140 13.95 21.92 -12.18
C HIS G 140 14.06 20.44 -12.53
N PRO G 141 13.27 19.60 -11.87
CA PRO G 141 13.28 18.17 -12.20
C PRO G 141 12.97 17.94 -13.66
N ASN G 142 13.70 16.99 -14.26
CA ASN G 142 13.66 16.78 -15.70
C ASN G 142 13.64 15.28 -15.94
N VAL G 143 12.56 14.78 -16.54
CA VAL G 143 12.45 13.35 -16.79
C VAL G 143 13.48 12.91 -17.82
N GLN G 144 13.76 13.79 -18.80
CA GLN G 144 14.70 13.40 -19.86
C GLN G 144 16.10 13.29 -19.27
N LYS G 145 16.46 14.17 -18.34
CA LYS G 145 17.77 14.07 -17.71
C LYS G 145 17.86 12.86 -16.79
N ASP G 146 16.76 12.54 -16.09
CA ASP G 146 16.75 11.36 -15.24
C ASP G 146 16.90 10.07 -16.04
N LEU G 147 16.39 10.05 -17.28
CA LEU G 147 16.56 8.86 -18.12
C LEU G 147 18.01 8.69 -18.55
N GLU G 148 18.69 9.80 -18.85
CA GLU G 148 20.11 9.72 -19.20
C GLU G 148 20.95 9.23 -18.03
N ARG G 149 20.64 9.69 -16.82
CA ARG G 149 21.38 9.25 -15.64
C ARG G 149 21.15 7.77 -15.34
N LEU G 150 19.90 7.31 -15.41
CA LEU G 150 19.62 5.89 -15.17
C LEU G 150 20.24 5.01 -16.24
N THR G 151 20.32 5.51 -17.48
CA THR G 151 20.98 4.77 -18.54
C THR G 151 22.47 4.60 -18.25
N GLN G 152 23.13 5.66 -17.78
CA GLN G 152 24.54 5.63 -17.45
C GLN G 152 24.77 4.97 -16.09
N GLU G 153 23.95 3.98 -15.76
CA GLU G 153 24.05 3.23 -14.52
C GLU G 153 25.42 2.60 -14.32
N MET H 2 -27.14 25.11 -33.84
CA MET H 2 -27.39 23.68 -33.99
C MET H 2 -26.20 22.90 -33.46
N THR H 3 -26.41 22.13 -32.40
CA THR H 3 -25.33 21.38 -31.78
C THR H 3 -24.98 20.16 -32.60
N GLU H 4 -23.69 19.79 -32.56
CA GLU H 4 -23.17 18.65 -33.28
C GLU H 4 -22.62 17.62 -32.30
N TYR H 5 -22.80 16.35 -32.61
CA TYR H 5 -22.33 15.24 -31.78
C TYR H 5 -21.43 14.34 -32.60
N LYS H 6 -20.21 14.09 -32.09
CA LYS H 6 -19.22 13.27 -32.75
C LYS H 6 -19.24 11.86 -32.16
N LEU H 7 -19.67 10.89 -32.97
CA LEU H 7 -19.81 9.50 -32.55
C LEU H 7 -18.82 8.63 -33.29
N VAL H 8 -18.26 7.65 -32.57
CA VAL H 8 -17.27 6.72 -33.08
C VAL H 8 -17.77 5.31 -32.86
N VAL H 9 -17.82 4.52 -33.93
CA VAL H 9 -18.33 3.15 -33.90
C VAL H 9 -17.13 2.22 -33.94
N VAL H 10 -16.89 1.51 -32.84
CA VAL H 10 -15.72 0.65 -32.70
C VAL H 10 -16.19 -0.78 -32.42
N GLY H 11 -15.25 -1.71 -32.50
CA GLY H 11 -15.56 -3.12 -32.31
C GLY H 11 -14.84 -4.02 -33.29
N ALA H 12 -14.88 -5.31 -33.04
CA ALA H 12 -14.15 -6.27 -33.87
C ALA H 12 -14.68 -6.26 -35.30
N ASP H 13 -13.86 -6.77 -36.22
CA ASP H 13 -14.24 -6.86 -37.61
C ASP H 13 -15.41 -7.83 -37.79
N GLY H 14 -16.38 -7.42 -38.61
CA GLY H 14 -17.51 -8.27 -38.93
C GLY H 14 -18.66 -8.26 -37.95
N VAL H 15 -18.65 -7.35 -36.97
CA VAL H 15 -19.76 -7.29 -36.02
C VAL H 15 -20.94 -6.49 -36.55
N GLY H 16 -20.76 -5.69 -37.57
CA GLY H 16 -21.82 -4.90 -38.15
C GLY H 16 -21.67 -3.40 -38.02
N LYS H 17 -20.45 -2.91 -37.76
CA LYS H 17 -20.22 -1.48 -37.65
C LYS H 17 -20.63 -0.74 -38.91
N SER H 18 -20.19 -1.22 -40.08
CA SER H 18 -20.55 -0.57 -41.33
C SER H 18 -22.04 -0.74 -41.64
N ALA H 19 -22.61 -1.90 -41.29
CA ALA H 19 -24.02 -2.11 -41.55
C ALA H 19 -24.90 -1.24 -40.65
N LEU H 20 -24.54 -1.13 -39.37
CA LEU H 20 -25.32 -0.28 -38.46
C LEU H 20 -25.28 1.18 -38.90
N THR H 21 -24.10 1.65 -39.33
CA THR H 21 -23.96 3.04 -39.72
C THR H 21 -24.74 3.35 -40.99
N ILE H 22 -24.61 2.51 -42.02
CA ILE H 22 -25.31 2.75 -43.27
C ILE H 22 -26.82 2.71 -43.08
N GLN H 23 -27.25 1.88 -42.10
CA GLN H 23 -28.69 1.76 -41.81
C GLN H 23 -29.18 3.07 -41.16
N LEU H 24 -28.34 3.77 -40.41
CA LEU H 24 -28.75 5.01 -39.77
C LEU H 24 -28.72 6.17 -40.75
N ILE H 25 -27.73 6.19 -41.64
CA ILE H 25 -27.52 7.32 -42.53
C ILE H 25 -28.34 7.18 -43.81
N GLN H 26 -28.22 6.05 -44.49
CA GLN H 26 -28.84 5.83 -45.79
C GLN H 26 -30.09 4.96 -45.72
N ASN H 27 -30.42 4.42 -44.54
CA ASN H 27 -31.69 3.73 -44.33
C ASN H 27 -31.84 2.50 -45.23
N HIS H 28 -30.72 1.77 -45.41
CA HIS H 28 -30.76 0.49 -46.11
C HIS H 28 -29.63 -0.37 -45.57
N PHE H 29 -29.75 -1.66 -45.79
CA PHE H 29 -28.83 -2.66 -45.25
C PHE H 29 -27.83 -3.04 -46.33
N VAL H 30 -26.55 -2.82 -46.06
CA VAL H 30 -25.48 -3.18 -46.99
C VAL H 30 -25.01 -4.59 -46.64
N ASP H 31 -25.05 -5.49 -47.62
CA ASP H 31 -24.75 -6.89 -47.33
C ASP H 31 -23.25 -7.16 -47.24
N GLU H 32 -22.43 -6.45 -48.00
CA GLU H 32 -20.98 -6.70 -47.98
C GLU H 32 -20.27 -5.39 -48.27
N TYR H 33 -20.01 -4.63 -47.21
CA TYR H 33 -19.24 -3.39 -47.27
C TYR H 33 -17.79 -3.73 -46.99
N ASP H 34 -16.89 -3.22 -47.82
CA ASP H 34 -15.47 -3.54 -47.74
C ASP H 34 -14.98 -3.41 -46.29
N PRO H 35 -14.50 -4.51 -45.68
CA PRO H 35 -14.09 -4.44 -44.28
C PRO H 35 -12.93 -3.50 -43.99
N THR H 36 -12.22 -3.03 -45.03
CA THR H 36 -11.04 -2.20 -44.84
C THR H 36 -11.30 -0.72 -45.03
N ILE H 37 -12.51 -0.33 -45.40
CA ILE H 37 -12.86 1.07 -45.68
C ILE H 37 -13.36 1.74 -44.41
N GLU H 38 -12.62 2.75 -43.94
CA GLU H 38 -13.07 3.63 -42.85
C GLU H 38 -13.57 4.95 -43.42
N ASP H 39 -14.72 5.41 -42.94
CA ASP H 39 -15.27 6.67 -43.41
C ASP H 39 -16.19 7.25 -42.35
N SER H 40 -16.45 8.55 -42.46
CA SER H 40 -17.37 9.26 -41.59
C SER H 40 -18.56 9.79 -42.39
N TYR H 41 -19.72 9.81 -41.73
CA TYR H 41 -20.97 10.24 -42.35
C TYR H 41 -21.63 11.31 -41.49
N ARG H 42 -22.26 12.28 -42.15
CA ARG H 42 -23.01 13.33 -41.48
C ARG H 42 -24.49 13.14 -41.74
N LYS H 43 -25.30 13.27 -40.69
CA LYS H 43 -26.75 13.11 -40.80
C LYS H 43 -27.42 14.06 -39.84
N GLN H 44 -28.40 14.80 -40.35
CA GLN H 44 -29.25 15.65 -39.54
C GLN H 44 -30.44 14.84 -39.03
N VAL H 45 -30.62 14.83 -37.70
CA VAL H 45 -31.68 14.07 -37.05
C VAL H 45 -32.27 14.91 -35.93
N VAL H 46 -33.49 14.54 -35.53
CA VAL H 46 -34.17 15.14 -34.38
C VAL H 46 -34.24 14.11 -33.25
N ILE H 47 -33.64 14.43 -32.12
CA ILE H 47 -33.66 13.59 -30.93
C ILE H 47 -34.24 14.40 -29.79
N ASP H 48 -35.41 13.98 -29.28
CA ASP H 48 -36.07 14.64 -28.16
C ASP H 48 -36.37 16.10 -28.47
N GLY H 49 -36.76 16.38 -29.72
CA GLY H 49 -37.11 17.70 -30.16
C GLY H 49 -35.94 18.56 -30.61
N GLU H 50 -34.71 18.16 -30.32
CA GLU H 50 -33.54 18.93 -30.73
C GLU H 50 -33.03 18.41 -32.06
N THR H 51 -32.86 19.32 -33.01
CA THR H 51 -32.26 18.99 -34.30
C THR H 51 -30.75 19.10 -34.17
N CYS H 52 -30.06 17.99 -34.37
CA CYS H 52 -28.62 17.90 -34.20
C CYS H 52 -27.97 17.29 -35.42
N LEU H 53 -26.70 17.61 -35.61
CA LEU H 53 -25.86 17.03 -36.65
C LEU H 53 -25.02 15.90 -36.06
N LEU H 54 -25.18 14.69 -36.61
CA LEU H 54 -24.42 13.52 -36.17
C LEU H 54 -23.24 13.29 -37.12
N ASP H 55 -22.04 13.22 -36.55
CA ASP H 55 -20.82 12.89 -37.27
C ASP H 55 -20.41 11.49 -36.84
N ILE H 56 -20.84 10.48 -37.60
CA ILE H 56 -20.60 9.08 -37.26
C ILE H 56 -19.34 8.64 -37.98
N LEU H 57 -18.31 8.29 -37.22
CA LEU H 57 -17.09 7.73 -37.79
C LEU H 57 -17.16 6.22 -37.66
N ASP H 58 -17.12 5.53 -38.81
CA ASP H 58 -17.18 4.08 -38.88
C ASP H 58 -15.75 3.53 -39.02
N THR H 59 -15.16 3.14 -37.90
CA THR H 59 -13.78 2.70 -37.90
C THR H 59 -13.62 1.38 -38.64
N ALA H 60 -12.44 1.18 -39.22
CA ALA H 60 -12.10 -0.05 -39.92
C ALA H 60 -10.59 -0.15 -40.03
N GLY H 61 -10.11 -1.34 -40.37
CA GLY H 61 -8.71 -1.53 -40.67
C GLY H 61 -7.93 -2.14 -39.51
N GLN H 62 -6.63 -2.31 -39.76
CA GLN H 62 -5.75 -2.87 -38.75
C GLN H 62 -5.54 -1.86 -37.64
N GLU H 63 -5.33 -2.38 -36.43
CA GLU H 63 -5.10 -1.49 -35.30
C GLU H 63 -3.78 -0.74 -35.47
N GLU H 64 -3.75 0.46 -34.91
CA GLU H 64 -2.62 1.37 -35.02
C GLU H 64 -2.57 2.22 -33.76
N TYR H 65 -1.55 2.03 -32.95
CA TYR H 65 -1.38 2.81 -31.73
C TYR H 65 -0.35 3.92 -31.92
N SER H 66 -0.53 4.68 -33.00
CA SER H 66 0.29 5.85 -33.30
C SER H 66 -0.30 7.09 -32.64
N ALA H 67 0.50 8.16 -32.62
CA ALA H 67 0.04 9.42 -32.07
C ALA H 67 -1.11 9.99 -32.90
N MET H 68 -1.07 9.79 -34.23
CA MET H 68 -2.10 10.35 -35.10
C MET H 68 -3.46 9.72 -34.84
N ARG H 69 -3.50 8.39 -34.74
CA ARG H 69 -4.78 7.72 -34.53
C ARG H 69 -5.30 7.93 -33.11
N ASP H 70 -4.40 8.06 -32.13
CA ASP H 70 -4.82 8.39 -30.77
C ASP H 70 -5.58 9.70 -30.73
N GLN H 71 -5.02 10.74 -31.35
CA GLN H 71 -5.69 12.04 -31.33
C GLN H 71 -6.99 12.00 -32.12
N TYR H 72 -7.00 11.27 -33.25
CA TYR H 72 -8.24 11.10 -34.00
C TYR H 72 -9.33 10.49 -33.14
N MET H 73 -9.03 9.38 -32.47
CA MET H 73 -10.04 8.76 -31.61
C MET H 73 -10.38 9.65 -30.41
N ARG H 74 -9.44 10.49 -29.98
CA ARG H 74 -9.71 11.36 -28.85
C ARG H 74 -10.83 12.34 -29.13
N THR H 75 -11.06 12.69 -30.40
CA THR H 75 -12.08 13.67 -30.74
C THR H 75 -13.50 13.11 -30.64
N GLY H 76 -13.65 11.80 -30.52
CA GLY H 76 -14.99 11.25 -30.39
C GLY H 76 -15.57 11.60 -29.04
N GLU H 77 -16.79 12.16 -29.06
CA GLU H 77 -17.48 12.46 -27.82
C GLU H 77 -18.24 11.25 -27.27
N GLY H 78 -18.47 10.26 -28.11
CA GLY H 78 -19.16 9.06 -27.67
C GLY H 78 -18.72 7.88 -28.52
N PHE H 79 -18.76 6.69 -27.92
CA PHE H 79 -18.27 5.49 -28.58
C PHE H 79 -19.33 4.41 -28.51
N LEU H 80 -19.61 3.81 -29.68
CA LEU H 80 -20.51 2.67 -29.79
C LEU H 80 -19.63 1.43 -29.83
N CYS H 81 -19.68 0.65 -28.76
CA CYS H 81 -18.89 -0.57 -28.67
C CYS H 81 -19.78 -1.73 -29.12
N VAL H 82 -19.52 -2.22 -30.33
CA VAL H 82 -20.40 -3.17 -31.01
C VAL H 82 -19.74 -4.54 -31.01
N PHE H 83 -20.52 -5.56 -30.67
CA PHE H 83 -20.15 -6.95 -30.87
C PHE H 83 -21.32 -7.67 -31.51
N ALA H 84 -21.05 -8.89 -31.96
CA ALA H 84 -22.08 -9.74 -32.55
C ALA H 84 -22.52 -10.78 -31.52
N ILE H 85 -23.83 -10.92 -31.33
CA ILE H 85 -24.35 -11.85 -30.33
C ILE H 85 -24.04 -13.30 -30.66
N ASN H 86 -23.60 -13.58 -31.89
CA ASN H 86 -23.26 -14.94 -32.32
C ASN H 86 -21.74 -15.14 -32.42
N ASN H 87 -20.96 -14.28 -31.78
CA ASN H 87 -19.49 -14.36 -31.84
C ASN H 87 -18.95 -13.97 -30.48
N THR H 88 -18.51 -14.98 -29.70
CA THR H 88 -18.03 -14.74 -28.36
C THR H 88 -16.73 -13.93 -28.36
N LYS H 89 -15.86 -14.18 -29.35
CA LYS H 89 -14.61 -13.42 -29.46
C LYS H 89 -14.86 -11.92 -29.55
N SER H 90 -15.84 -11.52 -30.36
CA SER H 90 -16.15 -10.11 -30.47
C SER H 90 -16.61 -9.52 -29.14
N PHE H 91 -17.34 -10.31 -28.35
CA PHE H 91 -17.75 -9.86 -27.02
C PHE H 91 -16.55 -9.78 -26.08
N GLU H 92 -15.62 -10.74 -26.18
CA GLU H 92 -14.44 -10.72 -25.32
C GLU H 92 -13.53 -9.55 -25.64
N ASP H 93 -13.54 -9.07 -26.87
CA ASP H 93 -12.67 -7.96 -27.27
C ASP H 93 -13.14 -6.61 -26.76
N ILE H 94 -14.39 -6.49 -26.31
CA ILE H 94 -14.95 -5.19 -25.93
C ILE H 94 -14.10 -4.52 -24.86
N HIS H 95 -13.63 -5.30 -23.89
CA HIS H 95 -12.87 -4.72 -22.78
C HIS H 95 -11.63 -4.00 -23.29
N HIS H 96 -10.96 -4.57 -24.29
CA HIS H 96 -9.77 -3.92 -24.87
C HIS H 96 -10.13 -2.58 -25.49
N TYR H 97 -11.22 -2.54 -26.26
CA TYR H 97 -11.60 -1.29 -26.91
C TYR H 97 -11.88 -0.21 -25.87
N ARG H 98 -12.56 -0.57 -24.78
CA ARG H 98 -12.87 0.38 -23.73
C ARG H 98 -11.60 0.87 -23.04
N GLU H 99 -10.63 -0.03 -22.85
CA GLU H 99 -9.37 0.35 -22.23
C GLU H 99 -8.63 1.36 -23.09
N GLN H 100 -8.68 1.20 -24.43
CA GLN H 100 -8.03 2.17 -25.29
C GLN H 100 -8.80 3.48 -25.35
N ILE H 101 -10.14 3.43 -25.27
CA ILE H 101 -10.92 4.67 -25.19
C ILE H 101 -10.57 5.43 -23.92
N LYS H 102 -10.49 4.71 -22.80
CA LYS H 102 -10.14 5.34 -21.53
C LYS H 102 -8.76 5.97 -21.62
N ARG H 103 -7.84 5.34 -22.34
CA ARG H 103 -6.49 5.85 -22.45
C ARG H 103 -6.44 7.17 -23.23
N VAL H 104 -7.06 7.22 -24.41
CA VAL H 104 -6.93 8.44 -25.21
C VAL H 104 -7.86 9.54 -24.71
N LYS H 105 -8.99 9.19 -24.09
CA LYS H 105 -9.87 10.22 -23.53
C LYS H 105 -9.46 10.69 -22.15
N ASP H 106 -8.47 10.04 -21.52
CA ASP H 106 -7.96 10.44 -20.21
C ASP H 106 -9.08 10.56 -19.18
N SER H 107 -9.97 9.58 -19.14
CA SER H 107 -11.12 9.67 -18.25
C SER H 107 -11.71 8.29 -18.05
N GLU H 108 -12.31 8.10 -16.88
CA GLU H 108 -13.03 6.89 -16.55
C GLU H 108 -14.54 7.05 -16.68
N ASP H 109 -15.00 8.21 -17.17
CA ASP H 109 -16.42 8.48 -17.42
C ASP H 109 -16.57 9.03 -18.84
N VAL H 110 -16.53 8.17 -19.83
CA VAL H 110 -16.68 8.55 -21.24
C VAL H 110 -18.01 8.03 -21.74
N PRO H 111 -18.81 8.85 -22.43
CA PRO H 111 -20.10 8.37 -22.96
C PRO H 111 -19.89 7.16 -23.86
N MET H 112 -20.54 6.05 -23.49
CA MET H 112 -20.40 4.81 -24.24
C MET H 112 -21.70 4.03 -24.20
N VAL H 113 -21.91 3.22 -25.23
CA VAL H 113 -23.06 2.34 -25.34
C VAL H 113 -22.57 0.99 -25.81
N LEU H 114 -22.98 -0.08 -25.14
CA LEU H 114 -22.65 -1.44 -25.57
C LEU H 114 -23.73 -1.94 -26.52
N VAL H 115 -23.31 -2.43 -27.68
CA VAL H 115 -24.24 -2.82 -28.74
C VAL H 115 -24.01 -4.28 -29.08
N GLY H 116 -25.03 -5.10 -28.88
CA GLY H 116 -25.02 -6.48 -29.32
C GLY H 116 -25.78 -6.62 -30.62
N ASN H 117 -25.05 -6.69 -31.73
CA ASN H 117 -25.64 -6.66 -33.05
C ASN H 117 -26.01 -8.07 -33.54
N LYS H 118 -26.77 -8.10 -34.64
CA LYS H 118 -27.22 -9.33 -35.31
C LYS H 118 -28.25 -10.09 -34.48
N SER H 119 -29.12 -9.37 -33.76
CA SER H 119 -30.18 -9.99 -32.96
C SER H 119 -31.22 -10.72 -33.80
N ASP H 120 -31.18 -10.59 -35.13
CA ASP H 120 -32.09 -11.33 -36.00
C ASP H 120 -31.72 -12.79 -36.16
N LEU H 121 -30.52 -13.19 -35.77
CA LEU H 121 -30.00 -14.52 -35.97
C LEU H 121 -30.56 -15.49 -34.93
N PRO H 122 -30.88 -16.73 -35.31
CA PRO H 122 -31.35 -17.68 -34.31
C PRO H 122 -30.20 -18.20 -33.46
N SER H 123 -29.01 -18.25 -34.03
CA SER H 123 -27.86 -18.71 -33.27
C SER H 123 -27.44 -17.62 -32.30
N ARG H 124 -27.12 -18.01 -31.07
CA ARG H 124 -26.70 -17.05 -30.07
C ARG H 124 -25.68 -17.71 -29.17
N THR H 125 -24.53 -17.06 -28.98
CA THR H 125 -23.46 -17.56 -28.16
C THR H 125 -23.12 -16.66 -26.99
N VAL H 126 -23.56 -15.41 -27.01
CA VAL H 126 -23.41 -14.49 -25.88
C VAL H 126 -24.80 -14.29 -25.31
N ASP H 127 -24.93 -14.58 -24.01
CA ASP H 127 -26.23 -14.48 -23.35
C ASP H 127 -26.58 -13.01 -23.12
N THR H 128 -27.87 -12.70 -23.18
CA THR H 128 -28.29 -11.32 -22.99
C THR H 128 -27.98 -10.84 -21.57
N LYS H 129 -28.12 -11.73 -20.57
CA LYS H 129 -27.75 -11.38 -19.21
C LYS H 129 -26.25 -11.20 -19.08
N GLN H 130 -25.48 -12.02 -19.80
CA GLN H 130 -24.03 -11.87 -19.80
C GLN H 130 -23.62 -10.48 -20.28
N ALA H 131 -24.29 -9.96 -21.32
CA ALA H 131 -23.99 -8.63 -21.81
C ALA H 131 -24.52 -7.55 -20.88
N GLN H 132 -25.69 -7.77 -20.27
CA GLN H 132 -26.25 -6.78 -19.35
C GLN H 132 -25.38 -6.59 -18.12
N ASP H 133 -24.83 -7.69 -17.57
CA ASP H 133 -23.98 -7.55 -16.39
C ASP H 133 -22.72 -6.78 -16.75
N LEU H 134 -22.19 -6.97 -17.95
CA LEU H 134 -21.02 -6.22 -18.38
C LEU H 134 -21.32 -4.74 -18.52
N ALA H 135 -22.46 -4.39 -19.12
CA ALA H 135 -22.79 -2.98 -19.28
C ALA H 135 -23.01 -2.31 -17.93
N ARG H 136 -23.62 -3.02 -16.98
CA ARG H 136 -23.83 -2.48 -15.65
C ARG H 136 -22.51 -2.26 -14.94
N SER H 137 -21.56 -3.21 -15.09
CA SER H 137 -20.25 -3.06 -14.47
C SER H 137 -19.50 -1.85 -15.02
N TYR H 138 -19.75 -1.50 -16.29
CA TYR H 138 -19.19 -0.29 -16.88
C TYR H 138 -20.00 0.96 -16.58
N GLY H 139 -21.26 0.80 -16.18
CA GLY H 139 -22.11 1.97 -16.00
C GLY H 139 -22.63 2.55 -17.29
N ILE H 140 -22.86 1.72 -18.30
CA ILE H 140 -23.29 2.21 -19.61
C ILE H 140 -24.55 1.46 -20.04
N PRO H 141 -25.34 2.05 -20.95
CA PRO H 141 -26.52 1.35 -21.48
C PRO H 141 -26.13 0.23 -22.43
N PHE H 142 -27.01 -0.77 -22.52
CA PHE H 142 -26.86 -1.89 -23.44
C PHE H 142 -28.07 -1.97 -24.35
N ILE H 143 -27.82 -1.96 -25.67
CA ILE H 143 -28.88 -2.09 -26.67
C ILE H 143 -28.55 -3.26 -27.57
N GLU H 144 -29.54 -4.11 -27.80
CA GLU H 144 -29.42 -5.19 -28.78
C GLU H 144 -29.98 -4.70 -30.11
N THR H 145 -29.19 -4.82 -31.17
CA THR H 145 -29.56 -4.28 -32.46
C THR H 145 -29.50 -5.37 -33.53
N SER H 146 -30.20 -5.11 -34.63
CA SER H 146 -30.09 -5.92 -35.84
C SER H 146 -30.02 -4.95 -37.01
N ALA H 147 -28.83 -4.81 -37.59
CA ALA H 147 -28.67 -3.96 -38.76
C ALA H 147 -29.43 -4.50 -39.96
N LYS H 148 -29.82 -5.78 -39.93
CA LYS H 148 -30.54 -6.36 -41.06
C LYS H 148 -32.01 -5.96 -41.05
N THR H 149 -32.67 -6.02 -39.90
CA THR H 149 -34.05 -5.64 -39.79
C THR H 149 -34.22 -4.20 -39.29
N ARG H 150 -33.12 -3.50 -39.02
CA ARG H 150 -33.10 -2.14 -38.49
C ARG H 150 -33.69 -2.04 -37.08
N GLN H 151 -33.84 -3.17 -36.38
CA GLN H 151 -34.44 -3.13 -35.05
C GLN H 151 -33.44 -2.52 -34.08
N GLY H 152 -33.86 -1.47 -33.38
CA GLY H 152 -33.06 -0.81 -32.36
C GLY H 152 -31.89 0.02 -32.85
N VAL H 153 -31.72 0.16 -34.17
CA VAL H 153 -30.58 0.93 -34.69
C VAL H 153 -30.68 2.38 -34.25
N ASP H 154 -31.85 2.99 -34.47
CA ASP H 154 -32.09 4.34 -33.99
C ASP H 154 -31.89 4.44 -32.48
N ASP H 155 -32.28 3.40 -31.74
CA ASP H 155 -32.14 3.48 -30.28
C ASP H 155 -30.69 3.50 -29.84
N ALA H 156 -29.84 2.68 -30.46
CA ALA H 156 -28.43 2.61 -30.07
C ALA H 156 -27.74 3.94 -30.30
N PHE H 157 -27.92 4.54 -31.49
CA PHE H 157 -27.25 5.80 -31.79
C PHE H 157 -27.85 6.96 -31.01
N TYR H 158 -29.17 6.98 -30.85
CA TYR H 158 -29.79 8.06 -30.09
C TYR H 158 -29.48 7.96 -28.60
N THR H 159 -29.32 6.73 -28.09
CA THR H 159 -28.95 6.56 -26.68
C THR H 159 -27.55 7.09 -26.42
N LEU H 160 -26.62 6.88 -27.35
CA LEU H 160 -25.27 7.43 -27.21
C LEU H 160 -25.29 8.95 -27.22
N VAL H 161 -26.17 9.54 -28.02
CA VAL H 161 -26.29 11.00 -28.06
C VAL H 161 -26.80 11.53 -26.72
N ARG H 162 -27.81 10.88 -26.13
CA ARG H 162 -28.31 11.31 -24.83
C ARG H 162 -27.27 11.08 -23.74
N GLU H 163 -26.42 10.06 -23.91
CA GLU H 163 -25.30 9.86 -22.98
C GLU H 163 -24.30 11.01 -23.07
N ILE H 164 -24.06 11.51 -24.27
CA ILE H 164 -23.15 12.65 -24.42
C ILE H 164 -23.77 13.90 -23.82
N ARG H 165 -25.08 14.06 -23.99
CA ARG H 165 -25.78 15.20 -23.42
C ARG H 165 -25.68 15.18 -21.90
N LYS H 166 -25.91 13.99 -21.30
CA LYS H 166 -25.76 13.85 -19.85
C LYS H 166 -24.34 14.18 -19.41
N HIS H 167 -23.35 13.81 -20.22
CA HIS H 167 -21.96 14.08 -19.89
C HIS H 167 -21.58 15.53 -20.13
N LYS H 168 -22.19 16.18 -21.12
CA LYS H 168 -21.90 17.57 -21.46
C LYS H 168 -22.57 18.53 -20.49
#